data_7V07
#
_entry.id   7V07
#
_cell.length_a   1.00
_cell.length_b   1.00
_cell.length_c   1.00
_cell.angle_alpha   90.00
_cell.angle_beta   90.00
_cell.angle_gamma   90.00
#
_symmetry.space_group_name_H-M   'P 1'
#
loop_
_entity.id
_entity.type
_entity.pdbx_description
1 polymer Glycophorin-A
2 polymer 'Band 3 anion transport protein'
3 branched alpha-D-mannopyranose-(1-3)-[alpha-D-mannopyranose-(1-4)]beta-D-mannopyranose-(1-4)-2-acetamido-2-deoxy-beta-D-glucopyranose-(1-4)-[alpha-L-fucopyranose-(1-6)]2-acetamido-2-deoxy-beta-D-glucopyranose
4 non-polymer CHOLESTEROL
5 non-polymer 'DIUNDECYL PHOSPHATIDYL CHOLINE'
6 non-polymer '[(2R)-2-octanoyloxy-3-[oxidanyl-[(1R,2R,3S,4R,5R,6S)-2,3,6-tris(oxidanyl)-4,5-diphosphonooxy-cyclohexyl]oxy-phosphoryl]oxy-propyl] octanoate'
#
loop_
_entity_poly.entity_id
_entity_poly.type
_entity_poly.pdbx_seq_one_letter_code
_entity_poly.pdbx_strand_id
1 'polypeptide(L)'
;MYGKIIFVLLLSEIVSISASSTTGVAMHTSTSSSVTKSYISSQTNDTHKRDTYAATPRAHEVSEISVRTVYPPEEETGER
VQLAHHFSEPEITLIIFGVMAGVIGTILLISYGIRRLIKKSPSDVKPLPSPDTDVPLSSVEIENPETSDQ
;
B,D
2 'polypeptide(L)'
;MEELQDDYEDMMEENLEQEEYEDPDIPESQMEEPAAHDTEATATDYHTTSHPGTHKVYVELQELVMDEKNQELRWMEAAR
WVQLEENLGENGAWGRPHLSHLTFWSLLELRRVFTKGTVLLDLQETSLAGVANQLLDRFIFEDQIRPQDREELLRALLLK
HSHAGELEALGGVKPAVLTRSGDPSQPLLPQHSSLETQLFCEQGDGGTEGHSPSGILEKIPPDSEATLVLVGRADFLEQP
VLGFVRLQEAAELEAVELPVPIRFLFVLLGPEAPHIDYTQLGRAAATLMSERVFRIDAYMAQSRGELLHSLEGFLDCSLV
LPPTDAPSEQALLSLVPVQRELLRRRYQSSPAKPDSSFYKGLDLNGGPDDPLQQTGQLFGGLVRDIRRRYPYYLSDITDA
FSPQVLAAVIFIYFAALSPAITFGGLLGEKTRNQMGVSELLISTAVQGILFALLGAQPLLVVGFSGPLLVFEEAFFSFCE
TNGLEYIVGRVWIGFWLILLVVLVVAFEGSFLVRFISRYTQEIFSFLISLIFIYETFSKLIKIFQDHPLQKTYNYNVLMV
PKPQGPLPNTALLSLVLMAGTFFFAMMLRKFKNSSYFPGKLRRVIGDFGVPISILIMVLVDFFIQDTYTQKLSVPDGFKV
SNSSARGWVIHPLGLRSEFPIWMMFASALPALLVFILIFLESQITTLIVSKPERKMVKGSGFHLDLLLVVGMGGVAALFG
MPWLSATTVRSVTHANALTVMGKASTPGAAAQIQEVKEQRISGLLVAVLVGLSILMEPILSRIPLAVLFGIFLYMGVTSL
SGIQLFDRILLLFKPPKYHPDVPYVKRVKTWRMHLFTGIQIICLAVLWVVKSTPASLALPFVLILTVPLRRVLLPLIFRN
VELQCLDADDAKATFDEEEGRDEYDEVAMPV
;
C,E
#
loop_
_chem_comp.id
_chem_comp.type
_chem_comp.name
_chem_comp.formula
BMA D-saccharide, beta linking beta-D-mannopyranose 'C6 H12 O6'
CLR non-polymer CHOLESTEROL 'C27 H46 O'
FUC L-saccharide, alpha linking alpha-L-fucopyranose 'C6 H12 O5'
MAN D-saccharide, alpha linking alpha-D-mannopyranose 'C6 H12 O6'
NAG D-saccharide, beta linking 2-acetamido-2-deoxy-beta-D-glucopyranose 'C8 H15 N O6'
PIO non-polymer '[(2R)-2-octanoyloxy-3-[oxidanyl-[(1R,2R,3S,4R,5R,6S)-2,3,6-tris(oxidanyl)-4,5-diphosphonooxy-cyclohexyl]oxy-phosphoryl]oxy-propyl] octanoate' 'C25 H49 O19 P3'
PLC non-polymer 'DIUNDECYL PHOSPHATIDYL CHOLINE' 'C32 H65 N O8 P 1'
#
# COMPACT_ATOMS: atom_id res chain seq x y z
N GLY A 78 8.06 -36.13 -40.40
CA GLY A 78 8.48 -35.07 -39.52
C GLY A 78 8.82 -33.78 -40.24
N GLU A 79 10.06 -33.33 -40.07
CA GLU A 79 10.51 -32.09 -40.72
C GLU A 79 11.93 -32.30 -41.24
N ARG A 80 12.29 -31.49 -42.24
CA ARG A 80 13.61 -31.50 -42.88
C ARG A 80 13.93 -32.86 -43.45
N VAL A 81 15.21 -33.27 -43.39
CA VAL A 81 15.66 -34.55 -43.90
C VAL A 81 15.83 -35.50 -42.73
N GLN A 82 15.10 -36.62 -42.77
CA GLN A 82 15.07 -37.58 -41.68
C GLN A 82 15.52 -38.94 -42.17
N LEU A 83 16.23 -39.67 -41.33
CA LEU A 83 16.67 -41.02 -41.66
C LEU A 83 15.46 -41.94 -41.75
N ALA A 84 15.45 -42.79 -42.78
CA ALA A 84 14.33 -43.70 -43.02
C ALA A 84 14.57 -45.03 -42.31
N HIS A 85 13.65 -45.39 -41.44
CA HIS A 85 13.69 -46.66 -40.72
C HIS A 85 12.77 -47.67 -41.40
N HIS A 86 12.93 -48.94 -40.99
CA HIS A 86 12.04 -49.98 -41.50
C HIS A 86 10.60 -49.76 -41.02
N PHE A 87 10.44 -49.42 -39.74
CA PHE A 87 9.13 -49.13 -39.18
C PHE A 87 8.85 -47.64 -39.25
N SER A 88 7.59 -47.30 -39.49
CA SER A 88 7.16 -45.91 -39.41
C SER A 88 6.89 -45.53 -37.96
N GLU A 89 6.43 -44.30 -37.75
CA GLU A 89 6.05 -43.88 -36.40
C GLU A 89 4.93 -44.72 -35.81
N PRO A 90 3.79 -44.94 -36.49
CA PRO A 90 2.75 -45.80 -35.88
C PRO A 90 3.20 -47.23 -35.66
N GLU A 91 3.96 -47.81 -36.58
CA GLU A 91 4.39 -49.20 -36.41
C GLU A 91 5.31 -49.34 -35.21
N ILE A 92 6.27 -48.43 -35.06
CA ILE A 92 7.21 -48.52 -33.95
C ILE A 92 6.52 -48.23 -32.63
N THR A 93 5.58 -47.27 -32.61
CA THR A 93 4.90 -46.98 -31.35
C THR A 93 3.95 -48.11 -30.97
N LEU A 94 3.37 -48.79 -31.97
CA LEU A 94 2.52 -49.95 -31.70
C LEU A 94 3.34 -51.10 -31.15
N ILE A 95 4.54 -51.34 -31.72
CA ILE A 95 5.35 -52.45 -31.22
C ILE A 95 5.88 -52.14 -29.82
N ILE A 96 6.20 -50.88 -29.53
CA ILE A 96 6.68 -50.55 -28.20
C ILE A 96 5.56 -50.65 -27.17
N PHE A 97 4.35 -50.21 -27.55
CA PHE A 97 3.20 -50.35 -26.66
C PHE A 97 2.86 -51.82 -26.45
N GLY A 98 3.02 -52.66 -27.48
CA GLY A 98 2.80 -54.08 -27.31
C GLY A 98 3.80 -54.72 -26.36
N VAL A 99 5.08 -54.32 -26.47
CA VAL A 99 6.09 -54.82 -25.54
C VAL A 99 5.77 -54.36 -24.13
N MET A 100 5.33 -53.11 -23.97
CA MET A 100 4.97 -52.60 -22.65
C MET A 100 3.79 -53.37 -22.07
N ALA A 101 2.78 -53.65 -22.89
CA ALA A 101 1.64 -54.44 -22.43
C ALA A 101 2.09 -55.85 -22.04
N GLY A 102 3.01 -56.42 -22.80
CA GLY A 102 3.52 -57.74 -22.47
C GLY A 102 4.23 -57.79 -21.13
N VAL A 103 5.13 -56.82 -20.89
CA VAL A 103 5.87 -56.84 -19.62
C VAL A 103 4.93 -56.52 -18.46
N ILE A 104 3.97 -55.62 -18.67
CA ILE A 104 2.99 -55.32 -17.63
C ILE A 104 2.18 -56.57 -17.28
N GLY A 105 1.73 -57.31 -18.30
CA GLY A 105 1.01 -58.54 -18.04
C GLY A 105 1.87 -59.58 -17.35
N THR A 106 3.16 -59.65 -17.71
CA THR A 106 4.06 -60.58 -17.05
C THR A 106 4.21 -60.26 -15.57
N ILE A 107 4.39 -58.97 -15.25
CA ILE A 107 4.52 -58.57 -13.85
C ILE A 107 3.22 -58.80 -13.09
N LEU A 108 2.08 -58.53 -13.72
CA LEU A 108 0.79 -58.76 -13.06
C LEU A 108 0.55 -60.24 -12.81
N LEU A 109 0.90 -61.10 -13.76
CA LEU A 109 0.75 -62.54 -13.55
C LEU A 109 1.73 -63.06 -12.50
N ILE A 110 2.93 -62.49 -12.44
CA ILE A 110 3.86 -62.85 -11.36
C ILE A 110 3.29 -62.47 -10.01
N SER A 111 2.71 -61.27 -9.92
CA SER A 111 2.11 -60.82 -8.67
C SER A 111 0.91 -61.67 -8.29
N TYR A 112 0.16 -62.15 -9.29
CA TYR A 112 -0.96 -63.05 -9.02
C TYR A 112 -0.47 -64.41 -8.53
N GLY A 113 0.64 -64.89 -9.10
CA GLY A 113 1.22 -66.14 -8.63
C GLY A 113 1.72 -66.06 -7.21
N ILE A 114 2.45 -64.99 -6.89
CA ILE A 114 2.82 -64.72 -5.50
C ILE A 114 1.58 -64.24 -4.74
N ARG A 115 1.69 -64.17 -3.41
CA ARG A 115 0.62 -63.86 -2.47
C ARG A 115 -0.49 -64.89 -2.49
N ARG A 116 -0.30 -66.02 -3.18
CA ARG A 116 -1.28 -67.09 -3.25
C ARG A 116 -0.71 -68.45 -2.87
N LEU A 117 0.53 -68.76 -3.23
CA LEU A 117 1.15 -70.03 -2.88
C LEU A 117 2.06 -69.89 -1.67
N GLY B 78 18.06 50.99 7.40
CA GLY B 78 17.24 50.11 6.61
C GLY B 78 17.93 49.61 5.35
N GLU B 79 17.61 50.23 4.22
CA GLU B 79 18.19 49.84 2.95
C GLU B 79 18.31 51.07 2.06
N ARG B 80 19.31 51.07 1.18
CA ARG B 80 19.44 52.03 0.09
C ARG B 80 19.35 53.47 0.56
N VAL B 81 18.50 54.26 -0.10
CA VAL B 81 18.22 55.63 0.31
C VAL B 81 16.77 55.68 0.78
N GLN B 82 16.58 55.96 2.07
CA GLN B 82 15.27 56.08 2.66
C GLN B 82 14.96 57.55 2.95
N LEU B 83 13.66 57.86 2.98
CA LEU B 83 13.24 59.22 3.30
C LEU B 83 13.48 59.52 4.78
N ALA B 84 14.13 60.64 5.05
CA ALA B 84 14.38 61.06 6.42
C ALA B 84 13.17 61.84 6.93
N HIS B 85 12.48 61.28 7.92
CA HIS B 85 11.29 61.88 8.50
C HIS B 85 11.66 62.69 9.73
N HIS B 86 10.66 63.41 10.26
CA HIS B 86 10.87 64.16 11.50
C HIS B 86 11.16 63.22 12.67
N PHE B 87 10.46 62.10 12.73
CA PHE B 87 10.62 61.11 13.79
C PHE B 87 11.29 59.86 13.23
N SER B 88 12.24 59.32 14.00
CA SER B 88 12.80 58.03 13.66
C SER B 88 11.78 56.93 13.92
N GLU B 89 12.14 55.71 13.52
CA GLU B 89 11.25 54.56 13.73
C GLU B 89 10.88 54.34 15.19
N PRO B 90 11.81 54.33 16.17
CA PRO B 90 11.37 54.23 17.57
C PRO B 90 10.49 55.39 18.01
N GLU B 91 10.83 56.62 17.60
CA GLU B 91 10.03 57.77 18.02
C GLU B 91 8.59 57.64 17.53
N ILE B 92 8.42 57.34 16.24
CA ILE B 92 7.08 57.25 15.68
C ILE B 92 6.34 56.02 16.23
N THR B 93 7.06 54.94 16.53
CA THR B 93 6.36 53.75 17.01
C THR B 93 5.91 53.92 18.45
N LEU B 94 6.69 54.62 19.28
CA LEU B 94 6.20 54.96 20.61
C LEU B 94 5.08 56.00 20.55
N ILE B 95 5.12 56.91 19.56
CA ILE B 95 4.03 57.86 19.40
C ILE B 95 2.73 57.12 19.08
N ILE B 96 2.80 56.18 18.12
CA ILE B 96 1.61 55.42 17.74
C ILE B 96 1.14 54.54 18.89
N PHE B 97 2.09 53.93 19.63
CA PHE B 97 1.73 53.11 20.78
C PHE B 97 1.05 53.93 21.86
N GLY B 98 1.54 55.14 22.13
CA GLY B 98 0.92 55.99 23.12
C GLY B 98 -0.47 56.45 22.70
N VAL B 99 -0.64 56.79 21.42
CA VAL B 99 -1.96 57.15 20.93
C VAL B 99 -2.92 55.97 21.06
N MET B 100 -2.46 54.76 20.71
CA MET B 100 -3.30 53.58 20.84
C MET B 100 -3.66 53.31 22.29
N ALA B 101 -2.70 53.47 23.21
CA ALA B 101 -2.97 53.26 24.63
C ALA B 101 -4.00 54.26 25.16
N GLY B 102 -3.87 55.53 24.75
CA GLY B 102 -4.85 56.51 25.16
C GLY B 102 -6.24 56.22 24.61
N VAL B 103 -6.30 55.79 23.35
CA VAL B 103 -7.59 55.43 22.75
C VAL B 103 -8.22 54.25 23.51
N ILE B 104 -7.42 53.21 23.78
CA ILE B 104 -7.94 52.03 24.47
C ILE B 104 -8.45 52.39 25.86
N GLY B 105 -7.69 53.25 26.56
CA GLY B 105 -8.18 53.75 27.83
C GLY B 105 -9.48 54.54 27.67
N THR B 106 -9.65 55.22 26.54
CA THR B 106 -10.88 55.97 26.32
C THR B 106 -12.08 55.04 26.19
N ILE B 107 -11.99 53.99 25.36
CA ILE B 107 -13.14 53.07 25.29
C ILE B 107 -13.33 52.36 26.62
N LEU B 108 -12.24 52.04 27.32
CA LEU B 108 -12.40 51.36 28.61
C LEU B 108 -13.10 52.24 29.64
N LEU B 109 -12.77 53.54 29.66
CA LEU B 109 -13.42 54.45 30.59
C LEU B 109 -14.87 54.71 30.21
N ILE B 110 -15.16 54.81 28.91
CA ILE B 110 -16.55 54.95 28.48
C ILE B 110 -17.36 53.72 28.86
N SER B 111 -16.81 52.52 28.64
CA SER B 111 -17.50 51.29 29.02
C SER B 111 -17.68 51.21 30.53
N TYR B 112 -16.72 51.74 31.30
CA TYR B 112 -16.90 51.84 32.74
C TYR B 112 -18.06 52.77 33.09
N GLY B 113 -18.18 53.88 32.36
CA GLY B 113 -19.29 54.79 32.58
C GLY B 113 -20.63 54.17 32.21
N ILE B 114 -20.70 53.50 31.06
CA ILE B 114 -21.93 52.82 30.66
C ILE B 114 -22.09 51.54 31.50
N ARG B 115 -23.29 50.97 31.46
CA ARG B 115 -23.75 49.81 32.23
C ARG B 115 -23.90 50.11 33.71
N ARG B 116 -23.65 51.35 34.14
CA ARG B 116 -23.83 51.76 35.52
C ARG B 116 -24.94 52.79 35.71
N LEU B 117 -25.27 53.55 34.67
CA LEU B 117 -26.31 54.56 34.76
C LEU B 117 -27.66 54.00 34.28
N PRO C 371 -9.83 -42.54 1.00
CA PRO C 371 -9.30 -42.47 -0.36
C PRO C 371 -7.83 -42.88 -0.43
N LEU C 372 -7.25 -43.22 0.72
CA LEU C 372 -5.84 -43.58 0.81
C LEU C 372 -5.64 -45.01 1.33
N GLN C 373 -6.72 -45.76 1.51
CA GLN C 373 -6.60 -47.12 2.02
C GLN C 373 -6.11 -48.07 0.93
N GLN C 374 -5.44 -49.14 1.35
CA GLN C 374 -4.97 -50.19 0.46
C GLN C 374 -5.97 -51.35 0.50
N THR C 375 -6.41 -51.79 -0.68
CA THR C 375 -7.48 -52.78 -0.78
C THR C 375 -6.99 -54.20 -1.02
N GLY C 376 -5.79 -54.38 -1.57
CA GLY C 376 -5.28 -55.69 -1.90
C GLY C 376 -5.72 -56.22 -3.25
N GLN C 377 -6.47 -55.45 -4.02
CA GLN C 377 -6.94 -55.83 -5.35
C GLN C 377 -6.24 -54.96 -6.39
N LEU C 378 -5.86 -55.56 -7.51
CA LEU C 378 -5.19 -54.84 -8.59
C LEU C 378 -6.08 -53.73 -9.12
N PHE C 379 -5.48 -52.54 -9.26
CA PHE C 379 -6.17 -51.30 -9.63
C PHE C 379 -7.33 -50.97 -8.70
N GLY C 380 -7.25 -51.44 -7.44
CA GLY C 380 -8.33 -51.18 -6.50
C GLY C 380 -8.46 -49.71 -6.16
N GLY C 381 -7.33 -49.02 -6.03
CA GLY C 381 -7.39 -47.59 -5.80
C GLY C 381 -7.97 -46.83 -6.97
N LEU C 382 -7.61 -47.23 -8.20
CA LEU C 382 -8.10 -46.55 -9.39
C LEU C 382 -9.61 -46.70 -9.53
N VAL C 383 -10.14 -47.90 -9.29
CA VAL C 383 -11.57 -48.14 -9.47
C VAL C 383 -12.37 -47.40 -8.41
N ARG C 384 -11.93 -47.45 -7.16
CA ARG C 384 -12.63 -46.73 -6.10
C ARG C 384 -12.53 -45.22 -6.31
N ASP C 385 -11.45 -44.77 -6.93
CA ASP C 385 -11.29 -43.36 -7.27
C ASP C 385 -12.36 -42.91 -8.27
N ILE C 386 -12.66 -43.76 -9.26
CA ILE C 386 -13.70 -43.42 -10.23
C ILE C 386 -15.07 -43.43 -9.56
N ARG C 387 -15.36 -44.46 -8.77
CA ARG C 387 -16.67 -44.58 -8.15
C ARG C 387 -16.92 -43.46 -7.13
N ARG C 388 -15.84 -42.88 -6.59
CA ARG C 388 -16.00 -41.85 -5.57
C ARG C 388 -16.44 -40.52 -6.17
N ARG C 389 -15.89 -40.14 -7.32
CA ARG C 389 -16.08 -38.81 -7.87
C ARG C 389 -16.99 -38.75 -9.08
N TYR C 390 -16.99 -39.78 -9.93
CA TYR C 390 -17.75 -39.72 -11.17
C TYR C 390 -19.27 -39.61 -11.00
N PRO C 391 -19.90 -40.10 -9.94
CA PRO C 391 -21.33 -39.78 -9.74
C PRO C 391 -21.63 -38.29 -9.65
N TYR C 392 -20.68 -37.47 -9.17
CA TYR C 392 -20.88 -36.04 -9.06
C TYR C 392 -20.66 -35.28 -10.36
N TYR C 393 -20.66 -35.97 -11.51
CA TYR C 393 -20.30 -35.32 -12.76
C TYR C 393 -21.32 -34.27 -13.17
N LEU C 394 -22.61 -34.54 -12.94
CA LEU C 394 -23.65 -33.56 -13.25
C LEU C 394 -23.49 -32.30 -12.42
N SER C 395 -23.19 -32.46 -11.13
CA SER C 395 -22.96 -31.30 -10.27
C SER C 395 -21.67 -30.57 -10.69
N ASP C 396 -20.71 -31.30 -11.25
CA ASP C 396 -19.44 -30.69 -11.65
C ASP C 396 -19.60 -29.76 -12.84
N ILE C 397 -20.76 -29.75 -13.49
CA ILE C 397 -21.05 -28.79 -14.55
C ILE C 397 -21.97 -27.69 -14.06
N THR C 398 -22.99 -28.05 -13.27
CA THR C 398 -24.00 -27.07 -12.88
C THR C 398 -23.49 -26.17 -11.76
N ASP C 399 -22.52 -26.63 -10.98
CA ASP C 399 -22.03 -25.85 -9.84
C ASP C 399 -21.13 -24.71 -10.29
N ALA C 400 -20.80 -24.67 -11.58
CA ALA C 400 -19.98 -23.60 -12.14
C ALA C 400 -20.80 -22.42 -12.63
N PHE C 401 -22.12 -22.47 -12.52
CA PHE C 401 -22.97 -21.38 -12.99
C PHE C 401 -23.03 -20.30 -11.91
N SER C 402 -21.93 -19.56 -11.78
CA SER C 402 -21.80 -18.49 -10.80
C SER C 402 -20.71 -17.52 -11.23
N PRO C 403 -20.87 -16.22 -10.97
CA PRO C 403 -19.82 -15.26 -11.37
C PRO C 403 -18.47 -15.49 -10.69
N GLN C 404 -18.46 -16.12 -9.51
CA GLN C 404 -17.20 -16.45 -8.87
C GLN C 404 -16.37 -17.40 -9.74
N VAL C 405 -17.04 -18.34 -10.41
CA VAL C 405 -16.33 -19.26 -11.29
C VAL C 405 -15.72 -18.51 -12.47
N LEU C 406 -16.46 -17.56 -13.05
CA LEU C 406 -15.92 -16.78 -14.17
C LEU C 406 -14.74 -15.93 -13.74
N ALA C 407 -14.83 -15.30 -12.56
CA ALA C 407 -13.71 -14.53 -12.04
C ALA C 407 -12.50 -15.41 -11.80
N ALA C 408 -12.72 -16.62 -11.26
CA ALA C 408 -11.63 -17.57 -11.08
C ALA C 408 -11.03 -17.98 -12.42
N VAL C 409 -11.87 -18.12 -13.45
CA VAL C 409 -11.38 -18.46 -14.78
C VAL C 409 -10.44 -17.36 -15.28
N ILE C 410 -10.87 -16.11 -15.14
CA ILE C 410 -10.04 -14.99 -15.60
C ILE C 410 -8.73 -14.93 -14.82
N PHE C 411 -8.79 -15.19 -13.51
CA PHE C 411 -7.60 -15.17 -12.67
C PHE C 411 -6.62 -16.27 -13.08
N ILE C 412 -7.10 -17.52 -13.13
CA ILE C 412 -6.21 -18.65 -13.36
C ILE C 412 -5.76 -18.71 -14.80
N TYR C 413 -6.48 -18.07 -15.73
CA TYR C 413 -5.98 -17.96 -17.10
C TYR C 413 -4.63 -17.26 -17.15
N PHE C 414 -4.54 -16.09 -16.54
CA PHE C 414 -3.25 -15.40 -16.48
C PHE C 414 -2.26 -16.15 -15.61
N ALA C 415 -2.73 -16.68 -14.47
CA ALA C 415 -1.83 -17.36 -13.54
C ALA C 415 -1.21 -18.62 -14.15
N ALA C 416 -1.83 -19.18 -15.18
CA ALA C 416 -1.27 -20.32 -15.89
C ALA C 416 -0.61 -19.95 -17.20
N LEU C 417 -1.05 -18.87 -17.85
CA LEU C 417 -0.49 -18.48 -19.14
C LEU C 417 0.88 -17.85 -18.99
N SER C 418 1.06 -16.97 -18.00
CA SER C 418 2.35 -16.29 -17.87
C SER C 418 3.49 -17.24 -17.52
N PRO C 419 3.37 -18.17 -16.55
CA PRO C 419 4.44 -19.16 -16.39
C PRO C 419 4.65 -20.01 -17.63
N ALA C 420 3.58 -20.30 -18.38
CA ALA C 420 3.71 -21.06 -19.61
C ALA C 420 4.62 -20.34 -20.60
N ILE C 421 4.39 -19.04 -20.82
CA ILE C 421 5.22 -18.28 -21.75
C ILE C 421 6.65 -18.18 -21.24
N THR C 422 6.83 -17.90 -19.95
CA THR C 422 8.18 -17.71 -19.42
C THR C 422 8.99 -19.01 -19.50
N PHE C 423 8.40 -20.12 -19.03
CA PHE C 423 9.09 -21.40 -19.09
C PHE C 423 9.29 -21.88 -20.52
N GLY C 424 8.36 -21.57 -21.42
CA GLY C 424 8.57 -21.93 -22.82
C GLY C 424 9.69 -21.15 -23.46
N GLY C 425 9.82 -19.86 -23.12
CA GLY C 425 10.95 -19.09 -23.62
C GLY C 425 12.27 -19.61 -23.09
N LEU C 426 12.32 -19.94 -21.80
CA LEU C 426 13.54 -20.51 -21.23
C LEU C 426 13.86 -21.87 -21.87
N LEU C 427 12.83 -22.68 -22.09
CA LEU C 427 13.01 -23.99 -22.73
C LEU C 427 13.55 -23.84 -24.14
N GLY C 428 12.99 -22.91 -24.90
CA GLY C 428 13.49 -22.69 -26.26
C GLY C 428 14.90 -22.14 -26.28
N GLU C 429 15.24 -21.29 -25.31
CA GLU C 429 16.60 -20.76 -25.24
C GLU C 429 17.60 -21.87 -24.91
N LYS C 430 17.20 -22.84 -24.08
CA LYS C 430 18.12 -23.90 -23.60
C LYS C 430 18.09 -25.16 -24.48
N THR C 431 16.97 -25.45 -25.13
CA THR C 431 16.83 -26.64 -26.01
C THR C 431 17.19 -26.30 -27.45
N ARG C 432 17.59 -25.06 -27.74
CA ARG C 432 17.84 -24.65 -29.15
C ARG C 432 16.53 -24.70 -29.92
N ASN C 433 15.40 -24.49 -29.24
CA ASN C 433 14.04 -24.44 -29.82
C ASN C 433 13.53 -25.85 -30.13
N GLN C 434 14.21 -26.89 -29.64
CA GLN C 434 13.72 -28.28 -29.82
C GLN C 434 12.38 -28.38 -29.08
N MET C 435 12.29 -27.82 -27.87
CA MET C 435 11.00 -27.68 -27.16
C MET C 435 10.85 -26.19 -26.85
N GLY C 436 9.69 -25.59 -27.09
CA GLY C 436 9.57 -24.13 -26.88
C GLY C 436 8.23 -23.67 -26.37
N VAL C 437 7.83 -22.43 -26.65
CA VAL C 437 6.61 -21.84 -26.10
C VAL C 437 5.37 -22.51 -26.67
N SER C 438 5.35 -22.76 -27.98
CA SER C 438 4.17 -23.33 -28.61
C SER C 438 3.91 -24.75 -28.11
N GLU C 439 4.97 -25.54 -27.98
CA GLU C 439 4.82 -26.91 -27.50
C GLU C 439 4.28 -26.92 -26.08
N LEU C 440 4.82 -26.05 -25.21
CA LEU C 440 4.35 -25.99 -23.84
C LEU C 440 2.90 -25.51 -23.78
N LEU C 441 2.53 -24.54 -24.60
CA LEU C 441 1.16 -24.04 -24.61
C LEU C 441 0.18 -25.11 -25.03
N ILE C 442 0.47 -25.82 -26.13
CA ILE C 442 -0.44 -26.85 -26.62
C ILE C 442 -0.51 -28.02 -25.64
N SER C 443 0.63 -28.41 -25.07
CA SER C 443 0.63 -29.49 -24.09
C SER C 443 -0.18 -29.12 -22.86
N THR C 444 -0.01 -27.90 -22.36
CA THR C 444 -0.78 -27.44 -21.21
C THR C 444 -2.27 -27.44 -21.52
N ALA C 445 -2.65 -26.96 -22.71
CA ALA C 445 -4.05 -26.91 -23.09
C ALA C 445 -4.66 -28.31 -23.15
N VAL C 446 -4.02 -29.22 -23.88
CA VAL C 446 -4.58 -30.55 -24.08
C VAL C 446 -4.65 -31.31 -22.75
N GLN C 447 -3.56 -31.25 -21.97
CA GLN C 447 -3.54 -31.99 -20.72
C GLN C 447 -4.50 -31.40 -19.70
N GLY C 448 -4.66 -30.07 -19.68
CA GLY C 448 -5.62 -29.46 -18.79
C GLY C 448 -7.06 -29.80 -19.16
N ILE C 449 -7.36 -29.82 -20.46
CA ILE C 449 -8.70 -30.21 -20.91
C ILE C 449 -9.00 -31.64 -20.52
N LEU C 450 -8.05 -32.55 -20.78
CA LEU C 450 -8.27 -33.96 -20.46
C LEU C 450 -8.35 -34.19 -18.96
N PHE C 451 -7.60 -33.41 -18.18
CA PHE C 451 -7.65 -33.54 -16.73
C PHE C 451 -8.96 -33.01 -16.16
N ALA C 452 -9.45 -31.90 -16.71
CA ALA C 452 -10.72 -31.36 -16.27
C ALA C 452 -11.88 -32.29 -16.62
N LEU C 453 -11.81 -32.93 -17.79
CA LEU C 453 -12.89 -33.82 -18.20
C LEU C 453 -12.83 -35.19 -17.53
N LEU C 454 -11.68 -35.60 -17.00
CA LEU C 454 -11.52 -36.96 -16.48
C LEU C 454 -10.93 -37.05 -15.08
N GLY C 455 -10.30 -36.01 -14.56
CA GLY C 455 -9.63 -36.13 -13.27
C GLY C 455 -10.62 -36.20 -12.12
N ALA C 456 -10.20 -36.89 -11.06
CA ALA C 456 -11.01 -36.99 -9.86
C ALA C 456 -10.90 -35.76 -8.96
N GLN C 457 -9.88 -34.92 -9.19
CA GLN C 457 -9.73 -33.65 -8.50
C GLN C 457 -9.53 -32.57 -9.55
N PRO C 458 -10.63 -32.02 -10.08
CA PRO C 458 -10.51 -31.05 -11.18
C PRO C 458 -10.03 -29.67 -10.75
N LEU C 459 -9.78 -29.44 -9.46
CA LEU C 459 -9.28 -28.16 -8.99
C LEU C 459 -7.77 -28.03 -9.13
N LEU C 460 -7.07 -29.09 -9.51
CA LEU C 460 -5.64 -29.02 -9.74
C LEU C 460 -5.35 -28.35 -11.07
N VAL C 461 -4.28 -27.55 -11.11
CA VAL C 461 -3.81 -26.90 -12.31
C VAL C 461 -2.56 -27.63 -12.79
N VAL C 462 -2.57 -28.05 -14.05
CA VAL C 462 -1.51 -28.89 -14.61
C VAL C 462 -0.68 -28.05 -15.57
N GLY C 463 0.61 -27.93 -15.29
CA GLY C 463 1.48 -27.11 -16.11
C GLY C 463 2.93 -27.34 -15.75
N PHE C 464 3.79 -26.63 -16.47
CA PHE C 464 5.23 -26.76 -16.27
C PHE C 464 5.66 -26.11 -14.97
N SER C 465 6.75 -26.63 -14.39
CA SER C 465 7.28 -26.12 -13.14
C SER C 465 8.80 -26.02 -13.24
N GLY C 466 9.40 -25.36 -12.25
CA GLY C 466 10.83 -25.13 -12.22
C GLY C 466 11.70 -26.37 -12.20
N PRO C 467 11.41 -27.33 -11.31
CA PRO C 467 12.17 -28.59 -11.35
C PRO C 467 12.11 -29.31 -12.68
N LEU C 468 10.99 -29.23 -13.38
CA LEU C 468 10.90 -29.82 -14.71
C LEU C 468 11.84 -29.11 -15.68
N LEU C 469 11.93 -27.79 -15.59
CA LEU C 469 12.88 -27.05 -16.41
C LEU C 469 14.32 -27.43 -16.09
N VAL C 470 14.60 -27.64 -14.79
CA VAL C 470 15.95 -28.05 -14.40
C VAL C 470 16.28 -29.42 -14.98
N PHE C 471 15.26 -30.28 -15.15
CA PHE C 471 15.51 -31.63 -15.70
C PHE C 471 15.70 -31.56 -17.21
N GLU C 472 14.91 -30.72 -17.88
CA GLU C 472 15.00 -30.61 -19.35
C GLU C 472 16.38 -30.11 -19.71
N GLU C 473 16.89 -29.12 -18.98
CA GLU C 473 18.28 -28.65 -19.20
C GLU C 473 19.31 -29.74 -18.90
N ALA C 474 19.15 -30.47 -17.81
CA ALA C 474 20.16 -31.50 -17.44
C ALA C 474 20.21 -32.63 -18.48
N PHE C 475 19.06 -33.09 -18.95
CA PHE C 475 19.00 -34.14 -19.98
C PHE C 475 19.61 -33.60 -21.27
N PHE C 476 19.34 -32.34 -21.59
CA PHE C 476 19.83 -31.80 -22.89
C PHE C 476 21.35 -31.86 -22.87
N SER C 477 21.95 -31.50 -21.75
CA SER C 477 23.42 -31.53 -21.62
C SER C 477 23.96 -32.94 -21.75
N PHE C 478 23.33 -33.94 -21.12
CA PHE C 478 23.80 -35.33 -21.26
C PHE C 478 23.64 -35.79 -22.72
N CYS C 479 22.51 -35.46 -23.32
CA CYS C 479 22.29 -35.87 -24.71
C CYS C 479 23.34 -35.18 -25.60
N GLU C 480 23.60 -33.90 -25.37
CA GLU C 480 24.60 -33.14 -26.16
C GLU C 480 26.00 -33.74 -25.93
N THR C 481 26.33 -34.11 -24.69
CA THR C 481 27.67 -34.65 -24.34
C THR C 481 27.91 -36.00 -25.01
N ASN C 482 26.96 -36.93 -24.94
CA ASN C 482 27.21 -38.19 -25.64
C ASN C 482 26.63 -38.21 -27.05
N GLY C 483 26.17 -37.08 -27.59
CA GLY C 483 25.67 -37.12 -28.98
C GLY C 483 24.38 -37.92 -29.12
N LEU C 484 23.40 -37.66 -28.27
CA LEU C 484 22.10 -38.38 -28.33
C LEU C 484 21.05 -37.32 -28.65
N GLU C 485 20.18 -37.54 -29.63
CA GLU C 485 19.20 -36.46 -29.89
C GLU C 485 18.30 -36.31 -28.64
N TYR C 486 18.10 -35.08 -28.17
CA TYR C 486 17.33 -34.82 -26.93
C TYR C 486 15.87 -35.22 -27.05
N ILE C 487 15.24 -34.87 -28.17
CA ILE C 487 13.78 -35.12 -28.31
C ILE C 487 13.50 -36.63 -28.26
N VAL C 488 14.31 -37.43 -28.93
CA VAL C 488 14.10 -38.91 -28.99
C VAL C 488 14.26 -39.53 -27.58
N GLY C 489 15.21 -39.05 -26.78
CA GLY C 489 15.41 -39.55 -25.41
C GLY C 489 14.20 -39.27 -24.56
N ARG C 490 13.60 -38.10 -24.75
CA ARG C 490 12.36 -37.72 -24.04
C ARG C 490 11.27 -38.69 -24.46
N VAL C 491 11.21 -39.06 -25.74
CA VAL C 491 10.22 -40.03 -26.26
C VAL C 491 10.44 -41.35 -25.51
N TRP C 492 11.68 -41.70 -25.21
CA TRP C 492 11.89 -42.97 -24.51
C TRP C 492 11.71 -42.82 -23.00
N ILE C 493 12.04 -41.65 -22.44
CA ILE C 493 11.76 -41.41 -21.02
C ILE C 493 10.26 -41.44 -20.77
N GLY C 494 9.49 -40.78 -21.64
CA GLY C 494 8.04 -40.81 -21.50
C GLY C 494 7.48 -42.21 -21.70
N PHE C 495 8.09 -43.00 -22.58
CA PHE C 495 7.67 -44.39 -22.75
C PHE C 495 7.91 -45.17 -21.46
N TRP C 496 9.06 -44.95 -20.80
CA TRP C 496 9.29 -45.56 -19.51
C TRP C 496 8.38 -44.98 -18.42
N LEU C 497 7.90 -43.74 -18.62
CA LEU C 497 7.02 -43.14 -17.63
C LEU C 497 5.66 -43.83 -17.59
N ILE C 498 5.16 -44.26 -18.75
CA ILE C 498 3.86 -44.94 -18.81
C ILE C 498 3.92 -46.27 -18.07
N LEU C 499 5.01 -47.03 -18.26
CA LEU C 499 5.15 -48.31 -17.58
C LEU C 499 5.23 -48.14 -16.07
N LEU C 500 5.96 -47.12 -15.61
CA LEU C 500 6.16 -46.93 -14.18
C LEU C 500 4.85 -46.54 -13.49
N VAL C 501 4.06 -45.67 -14.10
CA VAL C 501 2.83 -45.22 -13.45
C VAL C 501 1.78 -46.32 -13.45
N VAL C 502 1.78 -47.17 -14.48
CA VAL C 502 0.83 -48.28 -14.51
C VAL C 502 1.11 -49.26 -13.39
N LEU C 503 2.40 -49.56 -13.17
CA LEU C 503 2.77 -50.46 -12.08
C LEU C 503 2.42 -49.85 -10.72
N VAL C 504 2.64 -48.55 -10.55
CA VAL C 504 2.33 -47.90 -9.28
C VAL C 504 0.84 -47.91 -9.02
N VAL C 505 0.04 -47.60 -10.05
CA VAL C 505 -1.40 -47.59 -9.89
C VAL C 505 -1.95 -49.00 -9.69
N ALA C 506 -1.41 -49.98 -10.43
CA ALA C 506 -1.89 -51.34 -10.31
C ALA C 506 -1.60 -51.93 -8.93
N PHE C 507 -0.53 -51.48 -8.28
CA PHE C 507 -0.17 -51.97 -6.96
C PHE C 507 -0.56 -50.99 -5.85
N GLU C 508 -1.40 -50.00 -6.18
CA GLU C 508 -1.91 -49.03 -5.21
C GLU C 508 -0.77 -48.28 -4.51
N GLY C 509 0.22 -47.85 -5.30
CA GLY C 509 1.37 -47.18 -4.72
C GLY C 509 1.06 -45.80 -4.17
N SER C 510 -0.09 -45.24 -4.55
CA SER C 510 -0.49 -43.93 -4.03
C SER C 510 -0.90 -43.99 -2.56
N PHE C 511 -1.01 -45.17 -1.97
CA PHE C 511 -1.37 -45.27 -0.56
C PHE C 511 -0.24 -44.81 0.35
N LEU C 512 1.00 -44.76 -0.16
CA LEU C 512 2.13 -44.27 0.62
C LEU C 512 2.03 -42.79 0.92
N VAL C 513 1.10 -42.07 0.27
CA VAL C 513 0.88 -40.65 0.53
C VAL C 513 0.45 -40.41 1.97
N ARG C 514 -0.21 -41.39 2.60
CA ARG C 514 -0.68 -41.25 3.97
C ARG C 514 0.46 -41.00 4.96
N PHE C 515 1.69 -41.39 4.62
CA PHE C 515 2.83 -41.12 5.49
C PHE C 515 3.34 -39.69 5.35
N ILE C 516 2.82 -38.92 4.40
CA ILE C 516 3.14 -37.51 4.28
C ILE C 516 2.13 -36.76 5.14
N SER C 517 2.56 -36.36 6.35
CA SER C 517 1.69 -35.69 7.29
C SER C 517 1.67 -34.19 7.02
N ARG C 518 1.05 -33.44 7.94
CA ARG C 518 1.00 -31.98 7.81
C ARG C 518 2.39 -31.36 7.82
N TYR C 519 3.35 -32.03 8.45
CA TYR C 519 4.74 -31.56 8.52
C TYR C 519 5.30 -31.31 7.12
N THR C 520 5.42 -32.38 6.33
CA THR C 520 6.01 -32.28 5.00
C THR C 520 5.16 -31.41 4.08
N GLN C 521 3.84 -31.53 4.18
CA GLN C 521 2.94 -30.74 3.33
C GLN C 521 3.17 -29.24 3.54
N GLU C 522 3.20 -28.80 4.81
CA GLU C 522 3.35 -27.38 5.08
C GLU C 522 4.77 -26.91 4.77
N ILE C 523 5.78 -27.76 5.01
CA ILE C 523 7.15 -27.40 4.65
C ILE C 523 7.26 -27.16 3.15
N PHE C 524 6.72 -28.08 2.36
CA PHE C 524 6.77 -27.96 0.90
C PHE C 524 5.98 -26.74 0.43
N SER C 525 4.78 -26.54 0.98
CA SER C 525 3.96 -25.41 0.53
C SER C 525 4.61 -24.07 0.88
N PHE C 526 5.16 -23.96 2.09
CA PHE C 526 5.82 -22.72 2.48
C PHE C 526 7.05 -22.46 1.62
N LEU C 527 7.85 -23.50 1.37
CA LEU C 527 9.03 -23.33 0.53
C LEU C 527 8.66 -22.91 -0.88
N ILE C 528 7.61 -23.52 -1.44
CA ILE C 528 7.20 -23.20 -2.82
C ILE C 528 6.66 -21.78 -2.89
N SER C 529 5.88 -21.36 -1.89
CA SER C 529 5.38 -19.99 -1.88
C SER C 529 6.52 -18.98 -1.75
N LEU C 530 7.50 -19.27 -0.89
CA LEU C 530 8.65 -18.39 -0.74
C LEU C 530 9.44 -18.30 -2.04
N ILE C 531 9.62 -19.43 -2.73
CA ILE C 531 10.34 -19.43 -4.00
C ILE C 531 9.57 -18.61 -5.04
N PHE C 532 8.25 -18.74 -5.06
CA PHE C 532 7.43 -18.00 -6.01
C PHE C 532 7.55 -16.49 -5.77
N ILE C 533 7.47 -16.07 -4.50
CA ILE C 533 7.61 -14.66 -4.16
C ILE C 533 9.01 -14.16 -4.53
N TYR C 534 10.03 -14.96 -4.22
CA TYR C 534 11.41 -14.57 -4.51
C TYR C 534 11.65 -14.40 -6.00
N GLU C 535 11.12 -15.32 -6.82
CA GLU C 535 11.28 -15.20 -8.27
C GLU C 535 10.50 -14.01 -8.81
N THR C 536 9.38 -13.63 -8.21
CA THR C 536 8.60 -12.52 -8.80
C THR C 536 9.37 -11.22 -8.58
N PHE C 537 9.92 -11.04 -7.38
CA PHE C 537 10.75 -9.85 -7.07
C PHE C 537 12.01 -9.85 -7.94
N SER C 538 12.60 -11.02 -8.20
CA SER C 538 13.84 -11.12 -9.00
C SER C 538 13.58 -10.60 -10.42
N LYS C 539 12.41 -10.90 -10.96
CA LYS C 539 12.06 -10.41 -12.31
C LYS C 539 12.02 -8.89 -12.33
N LEU C 540 11.46 -8.22 -11.31
CA LEU C 540 11.48 -6.74 -11.23
C LEU C 540 12.92 -6.21 -11.10
N ILE C 541 13.75 -6.90 -10.33
CA ILE C 541 15.16 -6.48 -10.14
C ILE C 541 15.85 -6.53 -11.51
N LYS C 542 15.57 -7.56 -12.32
CA LYS C 542 16.23 -7.73 -13.63
C LYS C 542 15.86 -6.54 -14.52
N ILE C 543 14.61 -6.08 -14.42
CA ILE C 543 14.17 -4.93 -15.25
C ILE C 543 15.01 -3.70 -14.89
N PHE C 544 15.28 -3.48 -13.61
CA PHE C 544 16.12 -2.34 -13.16
C PHE C 544 17.53 -2.53 -13.70
N GLN C 545 18.05 -3.75 -13.64
CA GLN C 545 19.39 -4.07 -14.19
C GLN C 545 19.43 -3.86 -15.70
N ASP C 546 18.41 -4.29 -16.43
CA ASP C 546 18.35 -4.10 -17.91
C ASP C 546 18.23 -2.62 -18.25
N HIS C 547 17.47 -1.87 -17.47
CA HIS C 547 17.16 -0.48 -17.79
C HIS C 547 17.49 0.34 -16.58
N PRO C 548 18.78 0.56 -16.28
CA PRO C 548 19.17 1.23 -15.05
C PRO C 548 18.75 2.70 -14.98
N LEU C 549 18.47 3.22 -13.78
CA LEU C 549 18.21 4.68 -13.70
C LEU C 549 19.54 5.37 -13.97
N GLN C 550 19.56 6.40 -14.81
CA GLN C 550 20.85 7.04 -15.21
C GLN C 550 20.59 8.47 -15.70
N LYS C 551 21.57 9.38 -15.53
CA LYS C 551 21.41 10.79 -15.87
C LYS C 551 21.06 10.96 -17.34
N THR C 552 21.72 10.21 -18.21
CA THR C 552 21.53 10.33 -19.65
C THR C 552 21.24 8.97 -20.26
N TYR C 553 20.49 8.98 -21.36
CA TYR C 553 20.17 7.77 -22.10
C TYR C 553 20.37 8.03 -23.59
N ASN C 554 20.61 6.94 -24.33
CA ASN C 554 20.57 6.97 -25.78
C ASN C 554 19.11 7.02 -26.18
N TYR C 555 18.70 8.10 -26.86
CA TYR C 555 17.29 8.24 -27.22
C TYR C 555 16.95 7.46 -28.48
N ASN C 556 17.98 7.02 -29.21
CA ASN C 556 17.75 6.31 -30.49
C ASN C 556 18.25 4.87 -30.30
N VAL C 557 17.49 4.05 -29.60
CA VAL C 557 17.95 2.67 -29.25
C VAL C 557 17.02 1.69 -29.96
N LEU C 558 17.57 0.69 -30.65
CA LEU C 558 16.68 -0.20 -31.43
C LEU C 558 15.77 -0.94 -30.44
N MET C 559 14.48 -1.05 -30.77
CA MET C 559 13.51 -1.72 -29.88
C MET C 559 13.19 -3.14 -30.34
N VAL C 560 13.88 -3.66 -31.37
CA VAL C 560 13.51 -4.99 -31.93
C VAL C 560 14.63 -6.00 -31.70
N PRO C 561 14.33 -7.20 -31.16
CA PRO C 561 12.99 -7.57 -30.73
C PRO C 561 12.74 -7.25 -29.25
N LYS C 562 13.81 -6.87 -28.53
CA LYS C 562 13.76 -6.49 -27.10
C LYS C 562 14.57 -5.21 -27.03
N PRO C 563 14.45 -4.35 -26.01
CA PRO C 563 15.27 -3.14 -26.05
C PRO C 563 16.73 -3.57 -26.09
N GLN C 564 17.55 -2.92 -26.91
CA GLN C 564 18.97 -3.34 -27.09
C GLN C 564 19.84 -2.50 -26.16
N GLY C 565 19.21 -1.64 -25.38
CA GLY C 565 19.85 -0.76 -24.43
C GLY C 565 18.91 -0.26 -23.36
N PRO C 566 19.46 0.41 -22.31
CA PRO C 566 18.64 0.97 -21.26
C PRO C 566 17.62 1.95 -21.85
N LEU C 567 16.43 1.97 -21.27
CA LEU C 567 15.38 2.91 -21.73
C LEU C 567 14.91 3.71 -20.52
N PRO C 568 14.67 5.03 -20.65
CA PRO C 568 14.12 5.80 -19.54
C PRO C 568 12.74 5.40 -18.99
N ASN C 569 12.46 5.65 -17.70
CA ASN C 569 11.14 5.47 -17.10
C ASN C 569 10.63 4.04 -17.14
N THR C 570 11.42 3.07 -17.60
CA THR C 570 10.90 1.72 -17.78
C THR C 570 10.83 0.96 -16.47
N ALA C 571 11.95 0.91 -15.74
CA ALA C 571 11.99 0.16 -14.49
C ALA C 571 11.06 0.78 -13.44
N LEU C 572 11.04 2.11 -13.37
CA LEU C 572 10.17 2.78 -12.40
C LEU C 572 8.70 2.56 -12.73
N LEU C 573 8.34 2.60 -14.02
CA LEU C 573 6.96 2.33 -14.39
C LEU C 573 6.58 0.88 -14.12
N SER C 574 7.54 -0.02 -14.28
CA SER C 574 7.31 -1.45 -13.99
C SER C 574 7.04 -1.61 -12.49
N LEU C 575 7.80 -0.93 -11.63
CA LEU C 575 7.58 -0.95 -10.17
C LEU C 575 6.22 -0.33 -9.85
N VAL C 576 5.84 0.75 -10.52
CA VAL C 576 4.58 1.43 -10.13
C VAL C 576 3.40 0.55 -10.59
N LEU C 577 3.54 -0.14 -11.72
CA LEU C 577 2.46 -1.01 -12.17
C LEU C 577 2.31 -2.21 -11.25
N MET C 578 3.40 -2.91 -10.96
CA MET C 578 3.36 -4.09 -10.07
C MET C 578 2.75 -3.71 -8.72
N ALA C 579 3.23 -2.65 -8.09
CA ALA C 579 2.71 -2.20 -6.79
C ALA C 579 1.24 -1.77 -6.90
N GLY C 580 0.90 -1.09 -7.98
CA GLY C 580 -0.49 -0.66 -8.19
C GLY C 580 -1.44 -1.84 -8.25
N THR C 581 -1.07 -2.85 -9.01
CA THR C 581 -1.96 -4.00 -9.15
C THR C 581 -2.00 -4.84 -7.87
N PHE C 582 -0.86 -4.97 -7.18
CA PHE C 582 -0.88 -5.67 -5.90
C PHE C 582 -1.74 -4.93 -4.88
N PHE C 583 -1.61 -3.59 -4.84
CA PHE C 583 -2.38 -2.79 -3.90
C PHE C 583 -3.86 -2.87 -4.18
N PHE C 584 -4.25 -2.79 -5.46
CA PHE C 584 -5.66 -2.88 -5.81
C PHE C 584 -6.23 -4.26 -5.51
N ALA C 585 -5.44 -5.32 -5.77
CA ALA C 585 -5.91 -6.66 -5.46
C ALA C 585 -6.12 -6.85 -3.97
N MET C 586 -5.17 -6.37 -3.16
CA MET C 586 -5.31 -6.48 -1.71
C MET C 586 -6.47 -5.63 -1.20
N MET C 587 -6.65 -4.43 -1.76
CA MET C 587 -7.75 -3.55 -1.34
C MET C 587 -9.10 -4.17 -1.68
N LEU C 588 -9.22 -4.79 -2.85
CA LEU C 588 -10.49 -5.43 -3.19
C LEU C 588 -10.72 -6.70 -2.37
N ARG C 589 -9.65 -7.42 -2.02
CA ARG C 589 -9.80 -8.55 -1.11
C ARG C 589 -10.30 -8.10 0.25
N LYS C 590 -9.78 -6.98 0.76
CA LYS C 590 -10.32 -6.41 1.99
C LYS C 590 -11.74 -5.92 1.79
N PHE C 591 -12.06 -5.42 0.60
CA PHE C 591 -13.39 -4.93 0.31
C PHE C 591 -14.42 -6.06 0.35
N LYS C 592 -14.02 -7.28 -0.04
CA LYS C 592 -14.89 -8.43 0.13
C LYS C 592 -15.32 -8.62 1.58
N ASN C 593 -14.38 -8.53 2.51
CA ASN C 593 -14.67 -8.80 3.90
C ASN C 593 -15.17 -7.57 4.65
N SER C 594 -15.21 -6.42 3.98
CA SER C 594 -15.66 -5.19 4.61
C SER C 594 -17.18 -5.15 4.71
N SER C 595 -17.68 -4.09 5.34
CA SER C 595 -19.10 -3.88 5.53
C SER C 595 -19.68 -2.84 4.58
N TYR C 596 -18.95 -2.49 3.53
CA TYR C 596 -19.37 -1.40 2.60
C TYR C 596 -20.12 -1.90 1.37
N PHE C 597 -21.14 -1.18 0.92
CA PHE C 597 -21.92 -1.45 -0.32
C PHE C 597 -23.01 -2.49 -0.05
N PRO C 598 -23.96 -2.74 -0.98
CA PRO C 598 -24.94 -3.79 -0.81
C PRO C 598 -24.07 -5.05 -0.78
N GLY C 599 -24.38 -6.02 0.09
CA GLY C 599 -23.47 -7.16 0.25
C GLY C 599 -23.26 -8.03 -0.96
N LYS C 600 -24.33 -8.33 -1.68
CA LYS C 600 -24.23 -9.18 -2.87
C LYS C 600 -23.38 -8.45 -3.90
N LEU C 601 -23.61 -7.14 -4.05
CA LEU C 601 -22.77 -6.33 -4.98
C LEU C 601 -21.31 -6.32 -4.51
N ARG C 602 -21.08 -6.22 -3.20
CA ARG C 602 -19.69 -6.23 -2.66
C ARG C 602 -19.01 -7.56 -2.96
N ARG C 603 -19.74 -8.65 -2.80
CA ARG C 603 -19.19 -10.01 -3.03
C ARG C 603 -18.82 -10.16 -4.49
N VAL C 604 -19.67 -9.66 -5.38
CA VAL C 604 -19.38 -9.75 -6.82
C VAL C 604 -18.09 -9.00 -7.07
N ILE C 605 -18.04 -7.77 -6.57
CA ILE C 605 -16.84 -6.98 -6.83
C ILE C 605 -15.61 -7.65 -6.23
N GLY C 606 -15.74 -8.25 -5.03
CA GLY C 606 -14.60 -8.93 -4.43
C GLY C 606 -14.17 -10.17 -5.20
N ASP C 607 -15.13 -10.87 -5.82
CA ASP C 607 -14.78 -12.03 -6.65
C ASP C 607 -13.93 -11.62 -7.83
N PHE C 608 -14.28 -10.52 -8.49
CA PHE C 608 -13.59 -10.02 -9.67
C PHE C 608 -12.46 -9.08 -9.32
N GLY C 609 -11.94 -9.13 -8.09
CA GLY C 609 -10.98 -8.15 -7.64
C GLY C 609 -9.68 -8.19 -8.43
N VAL C 610 -9.15 -9.40 -8.65
CA VAL C 610 -7.96 -9.53 -9.48
C VAL C 610 -8.21 -9.12 -10.93
N PRO C 611 -9.29 -9.54 -11.60
CA PRO C 611 -9.56 -8.97 -12.94
C PRO C 611 -9.73 -7.46 -12.96
N ILE C 612 -10.36 -6.87 -11.93
CA ILE C 612 -10.51 -5.43 -11.88
C ILE C 612 -9.15 -4.75 -11.75
N SER C 613 -8.28 -5.27 -10.88
CA SER C 613 -6.94 -4.70 -10.72
C SER C 613 -6.14 -4.82 -12.02
N ILE C 614 -6.23 -5.98 -12.68
CA ILE C 614 -5.51 -6.20 -13.93
C ILE C 614 -6.01 -5.21 -14.99
N LEU C 615 -7.33 -5.04 -15.10
CA LEU C 615 -7.89 -4.12 -16.08
C LEU C 615 -7.47 -2.69 -15.79
N ILE C 616 -7.49 -2.29 -14.53
CA ILE C 616 -7.14 -0.92 -14.16
C ILE C 616 -5.69 -0.63 -14.53
N MET C 617 -4.78 -1.53 -14.16
CA MET C 617 -3.36 -1.25 -14.43
C MET C 617 -3.02 -1.40 -15.91
N VAL C 618 -3.72 -2.30 -16.61
CA VAL C 618 -3.54 -2.41 -18.05
C VAL C 618 -3.98 -1.13 -18.74
N LEU C 619 -5.10 -0.55 -18.30
CA LEU C 619 -5.53 0.74 -18.85
C LEU C 619 -4.54 1.85 -18.52
N VAL C 620 -3.99 1.83 -17.30
CA VAL C 620 -3.01 2.84 -16.89
C VAL C 620 -1.79 2.80 -17.80
N ASP C 621 -1.28 1.59 -18.08
CA ASP C 621 -0.13 1.51 -18.97
C ASP C 621 -0.54 1.76 -20.43
N PHE C 622 -1.79 1.50 -20.77
CA PHE C 622 -2.27 1.79 -22.12
C PHE C 622 -2.27 3.29 -22.39
N PHE C 623 -2.69 4.09 -21.42
CA PHE C 623 -2.76 5.53 -21.63
C PHE C 623 -1.40 6.21 -21.49
N ILE C 624 -0.36 5.49 -21.09
CA ILE C 624 1.01 5.99 -21.13
C ILE C 624 1.64 5.37 -22.37
N GLN C 625 1.72 6.14 -23.45
CA GLN C 625 2.14 5.59 -24.73
C GLN C 625 3.64 5.69 -24.93
N ASP C 626 4.25 6.80 -24.48
CA ASP C 626 5.67 7.04 -24.76
C ASP C 626 6.57 6.03 -24.06
N THR C 627 6.27 5.69 -22.81
CA THR C 627 7.18 4.80 -22.06
C THR C 627 7.12 3.37 -22.64
N TYR C 628 8.14 2.58 -22.39
CA TYR C 628 8.16 1.17 -22.86
C TYR C 628 8.03 0.24 -21.66
N THR C 629 7.07 -0.67 -21.71
CA THR C 629 6.93 -1.70 -20.66
C THR C 629 6.87 -3.02 -21.41
N GLN C 630 7.58 -4.05 -20.96
CA GLN C 630 7.55 -5.34 -21.61
C GLN C 630 6.16 -5.94 -21.56
N LYS C 631 5.70 -6.47 -22.69
CA LYS C 631 4.35 -7.00 -22.83
C LYS C 631 4.39 -8.49 -23.05
N LEU C 632 3.23 -9.14 -22.85
CA LEU C 632 3.11 -10.57 -23.11
C LEU C 632 3.30 -10.85 -24.60
N SER C 633 4.11 -11.86 -24.90
CA SER C 633 4.37 -12.27 -26.28
C SER C 633 4.04 -13.74 -26.42
N VAL C 634 3.14 -14.05 -27.35
CA VAL C 634 2.75 -15.43 -27.63
C VAL C 634 3.35 -15.80 -28.98
N PRO C 635 3.55 -17.09 -29.28
CA PRO C 635 4.08 -17.47 -30.59
C PRO C 635 3.15 -17.08 -31.72
N ASP C 636 3.72 -16.98 -32.92
CA ASP C 636 2.99 -16.50 -34.08
C ASP C 636 1.86 -17.46 -34.47
N GLY C 637 2.09 -18.76 -34.31
CA GLY C 637 1.06 -19.72 -34.70
C GLY C 637 1.30 -21.07 -34.05
N PHE C 638 0.41 -22.00 -34.39
CA PHE C 638 0.47 -23.38 -33.88
C PHE C 638 1.45 -24.19 -34.73
N LYS C 639 2.71 -23.80 -34.66
CA LYS C 639 3.80 -24.48 -35.33
C LYS C 639 4.88 -24.82 -34.32
N VAL C 640 5.71 -25.81 -34.66
CA VAL C 640 6.81 -26.19 -33.78
C VAL C 640 7.76 -25.01 -33.65
N SER C 641 8.43 -24.92 -32.51
CA SER C 641 9.30 -23.78 -32.25
C SER C 641 10.47 -23.75 -33.23
N ASN C 642 11.00 -24.93 -33.59
CA ASN C 642 12.07 -25.05 -34.57
C ASN C 642 11.61 -25.99 -35.69
N SER C 643 11.30 -25.40 -36.85
CA SER C 643 10.77 -26.19 -37.95
C SER C 643 11.84 -27.02 -38.64
N SER C 644 13.12 -26.74 -38.35
CA SER C 644 14.17 -27.56 -38.93
C SER C 644 14.46 -28.78 -38.06
N ALA C 645 14.33 -28.63 -36.73
CA ALA C 645 14.81 -29.67 -35.82
C ALA C 645 13.90 -30.90 -35.84
N ARG C 646 12.59 -30.68 -35.80
CA ARG C 646 11.67 -31.79 -35.60
C ARG C 646 10.29 -31.41 -36.11
N GLY C 647 9.46 -32.44 -36.30
CA GLY C 647 8.06 -32.26 -36.62
C GLY C 647 7.18 -32.39 -35.39
N TRP C 648 5.88 -32.56 -35.63
CA TRP C 648 4.95 -32.76 -34.53
C TRP C 648 5.07 -34.16 -33.92
N VAL C 649 5.56 -35.13 -34.69
CA VAL C 649 5.69 -36.51 -34.22
C VAL C 649 7.16 -36.89 -34.26
N ILE C 650 7.65 -37.46 -33.16
CA ILE C 650 9.05 -37.82 -33.02
C ILE C 650 9.19 -39.33 -33.16
N HIS C 651 10.14 -39.76 -33.99
CA HIS C 651 10.39 -41.18 -34.17
C HIS C 651 11.22 -41.72 -33.02
N PRO C 652 10.76 -42.75 -32.30
CA PRO C 652 11.59 -43.33 -31.23
C PRO C 652 12.89 -43.94 -31.73
N LEU C 653 12.98 -44.30 -33.01
CA LEU C 653 14.20 -44.87 -33.57
C LEU C 653 15.19 -43.81 -34.03
N GLY C 654 14.81 -42.54 -34.04
CA GLY C 654 15.73 -41.47 -34.39
C GLY C 654 15.23 -40.55 -35.49
N LEU C 655 15.70 -39.30 -35.48
CA LEU C 655 15.33 -38.33 -36.51
C LEU C 655 16.35 -38.28 -37.63
N ARG C 656 17.60 -37.92 -37.31
CA ARG C 656 18.67 -37.87 -38.31
C ARG C 656 19.69 -38.98 -38.14
N SER C 657 19.96 -39.40 -36.91
CA SER C 657 20.84 -40.52 -36.63
C SER C 657 20.06 -41.57 -35.84
N GLU C 658 20.48 -42.83 -35.99
CA GLU C 658 19.78 -43.92 -35.33
C GLU C 658 19.97 -43.84 -33.83
N PHE C 659 18.87 -43.94 -33.09
CA PHE C 659 18.93 -43.88 -31.64
C PHE C 659 19.54 -45.17 -31.10
N PRO C 660 20.54 -45.10 -30.22
CA PRO C 660 21.20 -46.31 -29.75
C PRO C 660 20.30 -47.18 -28.87
N ILE C 661 20.59 -48.48 -28.86
CA ILE C 661 19.76 -49.43 -28.12
C ILE C 661 19.94 -49.24 -26.61
N TRP C 662 21.17 -48.92 -26.18
CA TRP C 662 21.44 -48.84 -24.74
C TRP C 662 20.67 -47.70 -24.08
N MET C 663 20.50 -46.58 -24.79
CA MET C 663 19.74 -45.47 -24.23
C MET C 663 18.25 -45.75 -24.19
N MET C 664 17.77 -46.73 -24.96
CA MET C 664 16.37 -47.15 -24.84
C MET C 664 16.10 -47.77 -23.47
N PHE C 665 17.06 -48.53 -22.95
CA PHE C 665 16.96 -49.10 -21.61
C PHE C 665 17.46 -48.13 -20.55
N ALA C 666 18.45 -47.31 -20.87
CA ALA C 666 19.02 -46.37 -19.90
C ALA C 666 18.12 -45.16 -19.68
N SER C 667 17.06 -45.00 -20.45
CA SER C 667 16.13 -43.89 -20.24
C SER C 667 15.29 -44.07 -18.98
N ALA C 668 15.33 -45.27 -18.37
CA ALA C 668 14.50 -45.53 -17.20
C ALA C 668 14.90 -44.67 -16.01
N LEU C 669 16.21 -44.52 -15.79
CA LEU C 669 16.68 -43.75 -14.65
C LEU C 669 16.26 -42.28 -14.70
N PRO C 670 16.46 -41.53 -15.80
CA PRO C 670 15.88 -40.19 -15.85
C PRO C 670 14.36 -40.21 -15.81
N ALA C 671 13.75 -41.24 -16.40
CA ALA C 671 12.30 -41.41 -16.27
C ALA C 671 11.91 -41.66 -14.83
N LEU C 672 12.71 -42.43 -14.09
CA LEU C 672 12.48 -42.62 -12.67
C LEU C 672 12.52 -41.30 -11.93
N LEU C 673 13.55 -40.49 -12.17
CA LEU C 673 13.68 -39.21 -11.48
C LEU C 673 12.52 -38.28 -11.80
N VAL C 674 12.10 -38.26 -13.07
CA VAL C 674 10.92 -37.50 -13.46
C VAL C 674 9.69 -38.01 -12.73
N PHE C 675 9.58 -39.33 -12.55
CA PHE C 675 8.42 -39.88 -11.87
C PHE C 675 8.37 -39.46 -10.41
N ILE C 676 9.51 -39.51 -9.70
CA ILE C 676 9.52 -39.01 -8.33
C ILE C 676 9.18 -37.53 -8.27
N LEU C 677 9.73 -36.73 -9.20
CA LEU C 677 9.42 -35.30 -9.20
C LEU C 677 7.93 -35.04 -9.36
N ILE C 678 7.32 -35.63 -10.39
CA ILE C 678 5.90 -35.38 -10.66
C ILE C 678 5.02 -35.98 -9.58
N PHE C 679 5.34 -37.20 -9.13
CA PHE C 679 4.59 -37.83 -8.05
C PHE C 679 4.59 -36.97 -6.81
N LEU C 680 5.77 -36.53 -6.36
CA LEU C 680 5.85 -35.73 -5.14
C LEU C 680 5.06 -34.45 -5.29
N GLU C 681 5.30 -33.69 -6.38
CA GLU C 681 4.63 -32.41 -6.54
C GLU C 681 3.11 -32.58 -6.61
N SER C 682 2.64 -33.50 -7.46
CA SER C 682 1.20 -33.66 -7.67
C SER C 682 0.49 -34.18 -6.43
N GLN C 683 1.06 -35.20 -5.77
CA GLN C 683 0.38 -35.78 -4.62
C GLN C 683 0.40 -34.85 -3.41
N ILE C 684 1.51 -34.11 -3.22
CA ILE C 684 1.52 -33.14 -2.12
C ILE C 684 0.56 -31.99 -2.41
N THR C 685 0.45 -31.57 -3.68
CA THR C 685 -0.54 -30.57 -4.03
C THR C 685 -1.95 -31.05 -3.77
N THR C 686 -2.22 -32.32 -4.12
CA THR C 686 -3.54 -32.90 -3.85
C THR C 686 -3.82 -32.96 -2.36
N LEU C 687 -2.81 -33.30 -1.56
CA LEU C 687 -2.97 -33.32 -0.11
C LEU C 687 -3.29 -31.93 0.42
N ILE C 688 -2.59 -30.91 -0.07
CA ILE C 688 -2.77 -29.55 0.43
C ILE C 688 -4.14 -29.02 0.06
N VAL C 689 -4.52 -29.17 -1.22
CA VAL C 689 -5.79 -28.63 -1.69
C VAL C 689 -6.99 -29.35 -1.09
N SER C 690 -6.91 -30.66 -0.90
CA SER C 690 -8.02 -31.45 -0.40
C SER C 690 -7.96 -31.67 1.12
N LYS C 691 -7.43 -30.70 1.86
CA LYS C 691 -7.42 -30.82 3.31
C LYS C 691 -8.85 -30.77 3.86
N PRO C 692 -9.13 -31.46 4.98
CA PRO C 692 -10.48 -31.39 5.54
C PRO C 692 -10.91 -30.00 5.96
N GLU C 693 -9.97 -29.14 6.35
CA GLU C 693 -10.33 -27.79 6.78
C GLU C 693 -10.77 -26.90 5.62
N ARG C 694 -10.46 -27.28 4.39
CA ARG C 694 -10.85 -26.50 3.23
C ARG C 694 -12.28 -26.78 2.77
N LYS C 695 -12.97 -27.74 3.42
CA LYS C 695 -14.38 -28.03 3.16
C LYS C 695 -14.62 -28.49 1.72
N MET C 696 -13.90 -29.54 1.32
CA MET C 696 -14.17 -30.22 0.05
C MET C 696 -14.92 -31.51 0.35
N VAL C 697 -16.18 -31.57 -0.08
CA VAL C 697 -17.05 -32.69 0.22
C VAL C 697 -17.17 -33.63 -0.98
N LYS C 698 -16.58 -33.27 -2.12
CA LYS C 698 -16.73 -34.06 -3.34
C LYS C 698 -15.66 -35.13 -3.51
N GLY C 699 -14.65 -35.16 -2.62
CA GLY C 699 -13.63 -36.19 -2.69
C GLY C 699 -12.49 -35.89 -3.63
N SER C 700 -11.31 -36.44 -3.33
CA SER C 700 -10.12 -36.27 -4.15
C SER C 700 -9.54 -37.64 -4.46
N GLY C 701 -9.08 -37.81 -5.70
CA GLY C 701 -8.56 -39.10 -6.10
C GLY C 701 -7.06 -39.16 -6.29
N PHE C 702 -6.35 -39.81 -5.38
CA PHE C 702 -4.90 -39.84 -5.44
C PHE C 702 -4.35 -40.84 -6.46
N HIS C 703 -5.17 -41.77 -6.94
CA HIS C 703 -4.73 -42.73 -7.94
C HIS C 703 -5.07 -42.31 -9.36
N LEU C 704 -6.25 -41.70 -9.56
CA LEU C 704 -6.67 -41.34 -10.90
C LEU C 704 -5.88 -40.16 -11.45
N ASP C 705 -5.68 -39.12 -10.64
CA ASP C 705 -4.96 -37.94 -11.13
C ASP C 705 -3.51 -38.24 -11.42
N LEU C 706 -2.87 -39.06 -10.57
CA LEU C 706 -1.47 -39.42 -10.84
C LEU C 706 -1.35 -40.18 -12.16
N LEU C 707 -2.23 -41.15 -12.37
CA LEU C 707 -2.24 -41.91 -13.62
C LEU C 707 -2.44 -40.99 -14.81
N LEU C 708 -3.43 -40.09 -14.72
CA LEU C 708 -3.72 -39.19 -15.82
C LEU C 708 -2.54 -38.28 -16.13
N VAL C 709 -1.96 -37.66 -15.09
CA VAL C 709 -0.88 -36.71 -15.30
C VAL C 709 0.35 -37.40 -15.89
N VAL C 710 0.77 -38.51 -15.29
CA VAL C 710 2.00 -39.14 -15.75
C VAL C 710 1.81 -39.79 -17.12
N GLY C 711 0.66 -40.42 -17.36
CA GLY C 711 0.41 -41.01 -18.66
C GLY C 711 0.30 -39.96 -19.76
N MET C 712 -0.35 -38.83 -19.46
CA MET C 712 -0.44 -37.74 -20.43
C MET C 712 0.94 -37.16 -20.71
N GLY C 713 1.79 -37.03 -19.70
CA GLY C 713 3.15 -36.57 -19.94
C GLY C 713 3.95 -37.55 -20.78
N GLY C 714 3.82 -38.84 -20.50
CA GLY C 714 4.51 -39.83 -21.30
C GLY C 714 4.04 -39.86 -22.74
N VAL C 715 2.75 -39.65 -22.96
CA VAL C 715 2.22 -39.59 -24.32
C VAL C 715 2.69 -38.33 -25.01
N ALA C 716 2.67 -37.19 -24.30
CA ALA C 716 3.09 -35.93 -24.89
C ALA C 716 4.58 -35.93 -25.22
N ALA C 717 5.36 -36.74 -24.52
CA ALA C 717 6.77 -36.89 -24.88
C ALA C 717 6.93 -37.41 -26.30
N LEU C 718 6.03 -38.29 -26.74
CA LEU C 718 6.06 -38.82 -28.10
C LEU C 718 5.80 -37.73 -29.14
N PHE C 719 5.12 -36.65 -28.78
CA PHE C 719 4.82 -35.56 -29.69
C PHE C 719 5.78 -34.38 -29.51
N GLY C 720 6.90 -34.59 -28.83
CA GLY C 720 7.82 -33.51 -28.58
C GLY C 720 7.25 -32.42 -27.69
N MET C 721 6.53 -32.80 -26.64
CA MET C 721 5.84 -31.88 -25.78
C MET C 721 6.26 -32.13 -24.33
N PRO C 722 6.24 -31.09 -23.49
CA PRO C 722 6.66 -31.28 -22.10
C PRO C 722 5.68 -32.13 -21.31
N TRP C 723 6.21 -32.89 -20.36
CA TRP C 723 5.40 -33.53 -19.34
C TRP C 723 5.16 -32.53 -18.21
N LEU C 724 3.92 -32.48 -17.73
CA LEU C 724 3.52 -31.48 -16.78
C LEU C 724 3.35 -32.10 -15.39
N SER C 725 2.96 -31.26 -14.43
CA SER C 725 2.73 -31.70 -13.07
C SER C 725 1.70 -30.80 -12.43
N ALA C 726 1.06 -31.29 -11.37
CA ALA C 726 0.13 -30.47 -10.62
C ALA C 726 0.89 -29.47 -9.76
N THR C 727 1.01 -28.24 -10.24
CA THR C 727 1.75 -27.20 -9.53
C THR C 727 1.00 -26.77 -8.27
N THR C 728 1.77 -26.35 -7.27
CA THR C 728 1.19 -26.07 -5.96
C THR C 728 0.54 -24.69 -5.92
N VAL C 729 1.26 -23.66 -6.39
CA VAL C 729 0.78 -22.29 -6.26
C VAL C 729 -0.48 -22.07 -7.11
N ARG C 730 -0.46 -22.54 -8.36
CA ARG C 730 -1.61 -22.33 -9.24
C ARG C 730 -2.83 -23.10 -8.74
N SER C 731 -2.65 -24.34 -8.27
CA SER C 731 -3.77 -25.11 -7.77
C SER C 731 -4.33 -24.52 -6.49
N VAL C 732 -3.46 -24.05 -5.59
CA VAL C 732 -3.93 -23.42 -4.36
C VAL C 732 -4.67 -22.14 -4.66
N THR C 733 -4.18 -21.34 -5.61
CA THR C 733 -4.87 -20.13 -6.02
C THR C 733 -6.23 -20.45 -6.66
N HIS C 734 -6.28 -21.52 -7.47
CA HIS C 734 -7.52 -21.93 -8.11
C HIS C 734 -8.55 -22.36 -7.08
N ALA C 735 -8.13 -23.14 -6.09
CA ALA C 735 -9.04 -23.57 -5.03
C ALA C 735 -9.49 -22.40 -4.17
N ASN C 736 -8.57 -21.48 -3.86
CA ASN C 736 -8.91 -20.32 -3.05
C ASN C 736 -9.91 -19.41 -3.76
N ALA C 737 -9.76 -19.24 -5.08
CA ALA C 737 -10.68 -18.40 -5.84
C ALA C 737 -12.08 -18.99 -5.90
N LEU C 738 -12.23 -20.31 -5.73
CA LEU C 738 -13.53 -20.95 -5.71
C LEU C 738 -14.06 -21.16 -4.31
N THR C 739 -13.36 -20.70 -3.29
CA THR C 739 -13.81 -20.87 -1.91
C THR C 739 -14.79 -19.75 -1.52
N VAL C 740 -15.92 -20.15 -0.95
CA VAL C 740 -16.94 -19.22 -0.48
C VAL C 740 -16.77 -19.08 1.02
N MET C 741 -16.50 -17.86 1.48
CA MET C 741 -16.27 -17.61 2.89
C MET C 741 -17.58 -17.38 3.63
N GLY C 742 -17.62 -17.84 4.88
CA GLY C 742 -18.79 -17.69 5.72
C GLY C 742 -18.84 -16.35 6.43
N LYS C 743 -19.76 -16.25 7.39
CA LYS C 743 -19.93 -15.02 8.16
C LYS C 743 -19.05 -15.03 9.41
N ALA C 751 -14.38 -15.43 7.79
CA ALA C 751 -13.45 -15.94 8.79
C ALA C 751 -13.39 -17.47 8.77
N GLN C 752 -14.52 -18.09 8.45
CA GLN C 752 -14.64 -19.54 8.39
C GLN C 752 -15.06 -19.95 6.98
N ILE C 753 -14.37 -20.95 6.43
CA ILE C 753 -14.67 -21.43 5.10
C ILE C 753 -16.01 -22.16 5.09
N GLN C 754 -16.90 -21.76 4.20
CA GLN C 754 -18.23 -22.36 4.11
C GLN C 754 -18.27 -23.51 3.11
N GLU C 755 -17.91 -23.23 1.85
CA GLU C 755 -17.89 -24.27 0.82
C GLU C 755 -16.95 -23.83 -0.30
N VAL C 756 -16.61 -24.77 -1.17
CA VAL C 756 -15.79 -24.52 -2.34
C VAL C 756 -16.57 -24.96 -3.58
N LYS C 757 -16.57 -24.12 -4.61
CA LYS C 757 -17.24 -24.44 -5.86
C LYS C 757 -16.43 -25.49 -6.63
N GLU C 758 -16.68 -26.76 -6.28
CA GLU C 758 -15.99 -27.87 -6.90
C GLU C 758 -16.68 -28.22 -8.22
N GLN C 759 -16.02 -27.90 -9.33
CA GLN C 759 -16.61 -28.11 -10.65
C GLN C 759 -15.47 -28.30 -11.65
N ARG C 760 -15.83 -28.80 -12.84
CA ARG C 760 -14.87 -29.09 -13.89
C ARG C 760 -14.80 -28.01 -14.97
N ILE C 761 -15.64 -26.98 -14.90
CA ILE C 761 -15.74 -26.03 -16.00
C ILE C 761 -14.64 -24.98 -15.92
N SER C 762 -14.24 -24.60 -14.70
CA SER C 762 -13.26 -23.52 -14.56
C SER C 762 -11.90 -23.92 -15.11
N GLY C 763 -11.40 -25.08 -14.70
CA GLY C 763 -10.12 -25.55 -15.21
C GLY C 763 -10.16 -25.84 -16.70
N LEU C 764 -11.28 -26.38 -17.18
CA LEU C 764 -11.43 -26.63 -18.61
C LEU C 764 -11.37 -25.34 -19.41
N LEU C 765 -12.06 -24.29 -18.94
CA LEU C 765 -12.02 -23.02 -19.64
C LEU C 765 -10.66 -22.37 -19.55
N VAL C 766 -9.95 -22.54 -18.42
CA VAL C 766 -8.60 -22.03 -18.31
C VAL C 766 -7.68 -22.69 -19.33
N ALA C 767 -7.78 -24.02 -19.45
CA ALA C 767 -6.96 -24.74 -20.42
C ALA C 767 -7.32 -24.35 -21.86
N VAL C 768 -8.62 -24.17 -22.13
CA VAL C 768 -9.05 -23.78 -23.46
C VAL C 768 -8.52 -22.39 -23.81
N LEU C 769 -8.56 -21.46 -22.86
CA LEU C 769 -8.03 -20.12 -23.10
C LEU C 769 -6.52 -20.15 -23.29
N VAL C 770 -5.82 -21.01 -22.54
CA VAL C 770 -4.38 -21.15 -22.73
C VAL C 770 -4.07 -21.66 -24.14
N GLY C 771 -4.84 -22.64 -24.60
CA GLY C 771 -4.65 -23.11 -25.98
C GLY C 771 -5.03 -22.08 -27.02
N LEU C 772 -6.00 -21.22 -26.70
CA LEU C 772 -6.44 -20.19 -27.63
C LEU C 772 -5.60 -18.92 -27.56
N SER C 773 -4.62 -18.86 -26.63
CA SER C 773 -3.88 -17.64 -26.38
C SER C 773 -3.08 -17.18 -27.61
N ILE C 774 -2.77 -18.11 -28.52
CA ILE C 774 -2.06 -17.73 -29.73
C ILE C 774 -2.91 -16.81 -30.61
N LEU C 775 -4.22 -17.06 -30.68
CA LEU C 775 -5.12 -16.23 -31.47
C LEU C 775 -5.62 -15.00 -30.72
N MET C 776 -5.24 -14.84 -29.45
CA MET C 776 -5.58 -13.65 -28.67
C MET C 776 -4.38 -12.73 -28.51
N GLU C 777 -3.48 -12.74 -29.48
CA GLU C 777 -2.32 -11.86 -29.43
C GLU C 777 -2.67 -10.37 -29.40
N PRO C 778 -3.63 -9.85 -30.18
CA PRO C 778 -3.96 -8.42 -30.06
C PRO C 778 -4.47 -8.02 -28.69
N ILE C 779 -4.98 -8.96 -27.90
CA ILE C 779 -5.41 -8.68 -26.54
C ILE C 779 -4.26 -8.83 -25.55
N LEU C 780 -3.46 -9.90 -25.69
CA LEU C 780 -2.38 -10.16 -24.74
C LEU C 780 -1.20 -9.21 -24.95
N SER C 781 -1.06 -8.62 -26.14
CA SER C 781 0.08 -7.75 -26.41
C SER C 781 -0.04 -6.41 -25.69
N ARG C 782 -1.20 -6.10 -25.11
CA ARG C 782 -1.37 -4.87 -24.36
C ARG C 782 -1.28 -5.07 -22.85
N ILE C 783 -0.91 -6.26 -22.39
CA ILE C 783 -0.87 -6.58 -20.98
C ILE C 783 0.60 -6.57 -20.53
N PRO C 784 0.99 -5.67 -19.63
CA PRO C 784 2.39 -5.65 -19.18
C PRO C 784 2.69 -6.81 -18.24
N LEU C 785 3.98 -7.16 -18.18
CA LEU C 785 4.40 -8.21 -17.25
C LEU C 785 4.34 -7.74 -15.81
N ALA C 786 4.50 -6.44 -15.59
CA ALA C 786 4.54 -5.90 -14.22
C ALA C 786 3.19 -6.08 -13.52
N VAL C 787 2.09 -5.91 -14.26
CA VAL C 787 0.77 -6.19 -13.69
C VAL C 787 0.68 -7.65 -13.26
N LEU C 788 1.15 -8.54 -14.13
CA LEU C 788 1.19 -9.96 -13.78
C LEU C 788 2.17 -10.23 -12.65
N PHE C 789 3.22 -9.41 -12.52
CA PHE C 789 4.14 -9.56 -11.39
C PHE C 789 3.45 -9.24 -10.07
N GLY C 790 2.67 -8.16 -10.04
CA GLY C 790 1.90 -7.86 -8.85
C GLY C 790 0.85 -8.92 -8.56
N ILE C 791 0.26 -9.48 -9.61
CA ILE C 791 -0.68 -10.59 -9.43
C ILE C 791 0.03 -11.80 -8.82
N PHE C 792 1.25 -12.08 -9.26
CA PHE C 792 2.03 -13.22 -8.73
C PHE C 792 2.33 -12.99 -7.25
N LEU C 793 2.70 -11.78 -6.86
CA LEU C 793 2.95 -11.45 -5.43
C LEU C 793 1.66 -11.62 -4.63
N TYR C 794 0.52 -11.19 -5.17
CA TYR C 794 -0.78 -11.43 -4.49
C TYR C 794 -0.93 -12.92 -4.27
N MET C 795 -0.73 -13.70 -5.33
CA MET C 795 -0.91 -15.15 -5.19
C MET C 795 0.03 -15.72 -4.15
N GLY C 796 1.29 -15.26 -4.14
CA GLY C 796 2.25 -15.76 -3.18
C GLY C 796 1.89 -15.41 -1.75
N VAL C 797 1.40 -14.18 -1.53
CA VAL C 797 1.08 -13.78 -0.16
C VAL C 797 -0.25 -14.40 0.29
N THR C 798 -1.15 -14.68 -0.67
CA THR C 798 -2.43 -15.26 -0.29
C THR C 798 -2.37 -16.78 -0.21
N SER C 799 -1.28 -17.39 -0.68
CA SER C 799 -1.14 -18.84 -0.55
C SER C 799 -0.66 -19.26 0.83
N LEU C 800 -0.37 -18.31 1.73
CA LEU C 800 0.13 -18.61 3.06
C LEU C 800 -0.96 -18.60 4.13
N SER C 801 -2.22 -18.47 3.74
CA SER C 801 -3.29 -18.26 4.72
C SER C 801 -3.52 -19.51 5.58
N GLY C 802 -3.58 -20.68 4.93
CA GLY C 802 -3.92 -21.90 5.64
C GLY C 802 -2.75 -22.69 6.19
N ILE C 803 -1.54 -22.16 6.15
CA ILE C 803 -0.37 -22.90 6.58
C ILE C 803 -0.11 -22.62 8.06
N GLN C 804 -0.11 -23.68 8.88
CA GLN C 804 0.17 -23.51 10.30
C GLN C 804 1.64 -23.17 10.55
N LEU C 805 2.53 -23.58 9.64
CA LEU C 805 3.94 -23.22 9.78
C LEU C 805 4.12 -21.70 9.68
N PHE C 806 3.42 -21.07 8.74
CA PHE C 806 3.48 -19.62 8.63
C PHE C 806 2.90 -18.94 9.86
N ASP C 807 1.80 -19.48 10.39
CA ASP C 807 1.19 -18.91 11.58
C ASP C 807 2.12 -19.02 12.79
N ARG C 808 2.79 -20.16 12.93
CA ARG C 808 3.70 -20.36 14.05
C ARG C 808 4.98 -19.55 13.89
N ILE C 809 5.40 -19.28 12.65
CA ILE C 809 6.51 -18.36 12.42
C ILE C 809 6.15 -16.96 12.91
N LEU C 810 4.90 -16.54 12.66
CA LEU C 810 4.43 -15.26 13.17
C LEU C 810 4.40 -15.25 14.69
N LEU C 811 4.05 -16.36 15.34
CA LEU C 811 3.92 -16.40 16.82
C LEU C 811 5.29 -16.25 17.46
N LEU C 812 6.37 -16.42 16.71
CA LEU C 812 7.76 -16.20 17.21
C LEU C 812 7.94 -14.71 17.55
N PHE C 813 7.37 -13.81 16.74
CA PHE C 813 7.53 -12.36 16.89
C PHE C 813 6.40 -11.76 17.71
N LYS C 814 5.50 -12.59 18.20
CA LYS C 814 4.31 -12.11 18.92
C LYS C 814 4.47 -12.55 20.36
N PRO C 815 4.20 -11.67 21.34
CA PRO C 815 4.29 -12.03 22.75
C PRO C 815 3.28 -13.12 23.08
N PRO C 816 3.56 -14.02 24.04
CA PRO C 816 2.71 -15.18 24.31
C PRO C 816 1.27 -14.79 24.68
N LYS C 817 1.07 -13.68 25.36
CA LYS C 817 -0.30 -13.32 25.79
C LYS C 817 -1.16 -13.20 24.53
N TYR C 818 -0.63 -12.62 23.47
CA TYR C 818 -1.35 -12.42 22.19
C TYR C 818 -1.72 -13.74 21.48
N HIS C 819 -0.86 -14.77 21.51
CA HIS C 819 -1.11 -16.09 20.84
C HIS C 819 -2.58 -16.51 20.83
N PRO C 820 -3.09 -17.12 19.74
CA PRO C 820 -4.50 -17.48 19.60
C PRO C 820 -4.88 -18.72 20.40
N ASP C 821 -6.18 -18.91 20.54
CA ASP C 821 -6.73 -20.06 21.26
C ASP C 821 -6.78 -21.26 20.31
N VAL C 822 -5.61 -21.86 20.09
CA VAL C 822 -5.50 -23.06 19.25
C VAL C 822 -4.82 -24.16 20.02
N PRO C 823 -5.11 -25.42 19.67
CA PRO C 823 -4.60 -26.55 20.49
C PRO C 823 -3.08 -26.58 20.65
N TYR C 824 -2.31 -26.21 19.62
CA TYR C 824 -0.86 -26.24 19.76
C TYR C 824 -0.32 -25.09 20.58
N VAL C 825 -1.15 -24.12 20.93
CA VAL C 825 -0.78 -23.06 21.87
C VAL C 825 -1.28 -23.37 23.27
N LYS C 826 -2.52 -23.84 23.40
CA LYS C 826 -3.15 -24.06 24.70
C LYS C 826 -2.76 -25.39 25.35
N ARG C 827 -2.14 -26.31 24.61
CA ARG C 827 -1.79 -27.60 25.19
C ARG C 827 -0.31 -27.91 25.03
N VAL C 828 0.47 -27.04 24.41
CA VAL C 828 1.91 -27.19 24.26
C VAL C 828 2.58 -25.93 24.80
N LYS C 829 3.66 -26.11 25.53
CA LYS C 829 4.42 -24.96 26.05
C LYS C 829 4.94 -24.11 24.90
N THR C 830 5.03 -22.80 25.14
CA THR C 830 5.38 -21.87 24.08
C THR C 830 6.77 -22.14 23.54
N TRP C 831 7.73 -22.42 24.42
CA TRP C 831 9.08 -22.71 23.95
C TRP C 831 9.15 -24.05 23.22
N ARG C 832 8.33 -25.02 23.62
CA ARG C 832 8.26 -26.27 22.87
C ARG C 832 7.68 -26.05 21.47
N MET C 833 6.65 -25.21 21.37
CA MET C 833 6.08 -24.89 20.06
C MET C 833 7.09 -24.15 19.19
N HIS C 834 7.88 -23.25 19.80
CA HIS C 834 8.88 -22.52 19.01
C HIS C 834 10.04 -23.43 18.62
N LEU C 835 10.39 -24.40 19.46
CA LEU C 835 11.38 -25.40 19.07
C LEU C 835 10.88 -26.24 17.91
N PHE C 836 9.59 -26.63 17.95
CA PHE C 836 8.99 -27.36 16.83
C PHE C 836 9.02 -26.52 15.55
N THR C 837 8.74 -25.23 15.67
CA THR C 837 8.80 -24.34 14.50
C THR C 837 10.22 -24.20 13.98
N GLY C 838 11.19 -24.07 14.90
CA GLY C 838 12.57 -23.87 14.48
C GLY C 838 13.18 -25.10 13.84
N ILE C 839 12.72 -26.28 14.24
CA ILE C 839 13.15 -27.50 13.55
C ILE C 839 12.66 -27.49 12.10
N GLN C 840 11.42 -27.02 11.90
CA GLN C 840 10.90 -26.86 10.54
C GLN C 840 11.65 -25.77 9.78
N ILE C 841 12.08 -24.72 10.47
CA ILE C 841 12.81 -23.63 9.83
C ILE C 841 14.15 -24.13 9.32
N ILE C 842 14.82 -24.99 10.09
CA ILE C 842 16.09 -25.57 9.64
C ILE C 842 15.88 -26.40 8.38
N CYS C 843 14.79 -27.16 8.33
CA CYS C 843 14.47 -27.92 7.12
C CYS C 843 14.23 -27.00 5.93
N LEU C 844 13.56 -25.87 6.16
CA LEU C 844 13.33 -24.90 5.09
C LEU C 844 14.65 -24.35 4.58
N ALA C 845 15.57 -24.03 5.49
CA ALA C 845 16.88 -23.51 5.07
C ALA C 845 17.67 -24.55 4.30
N VAL C 846 17.61 -25.82 4.75
CA VAL C 846 18.31 -26.89 4.05
C VAL C 846 17.76 -27.08 2.65
N LEU C 847 16.43 -27.07 2.52
CA LEU C 847 15.81 -27.26 1.20
C LEU C 847 16.07 -26.08 0.29
N TRP C 848 16.05 -24.86 0.83
CA TRP C 848 16.37 -23.68 0.03
C TRP C 848 17.82 -23.70 -0.43
N VAL C 849 18.72 -24.17 0.43
CA VAL C 849 20.12 -24.31 0.05
C VAL C 849 20.26 -25.31 -1.09
N VAL C 850 19.57 -26.45 -0.98
CA VAL C 850 19.65 -27.49 -2.01
C VAL C 850 19.14 -26.96 -3.35
N LYS C 851 18.08 -26.13 -3.31
CA LYS C 851 17.54 -25.57 -4.55
C LYS C 851 18.52 -24.63 -5.22
N SER C 852 19.47 -24.06 -4.47
CA SER C 852 20.41 -23.09 -5.00
C SER C 852 21.68 -23.73 -5.58
N THR C 853 21.89 -25.01 -5.37
CA THR C 853 23.04 -25.73 -5.93
C THR C 853 22.66 -26.39 -7.25
N PRO C 854 23.66 -26.79 -8.05
CA PRO C 854 23.34 -27.59 -9.25
C PRO C 854 22.58 -28.87 -8.95
N ALA C 855 22.79 -29.46 -7.76
CA ALA C 855 22.03 -30.64 -7.36
C ALA C 855 20.68 -30.24 -6.80
N SER C 856 19.91 -29.47 -7.57
CA SER C 856 18.57 -29.06 -7.16
C SER C 856 17.50 -30.07 -7.54
N LEU C 857 17.84 -31.08 -8.35
CA LEU C 857 16.91 -32.16 -8.66
C LEU C 857 16.80 -33.17 -7.52
N ALA C 858 17.66 -33.09 -6.53
CA ALA C 858 17.58 -33.95 -5.35
C ALA C 858 16.62 -33.42 -4.30
N LEU C 859 15.97 -32.28 -4.56
CA LEU C 859 15.01 -31.72 -3.63
C LEU C 859 13.88 -32.67 -3.23
N PRO C 860 13.29 -33.47 -4.12
CA PRO C 860 12.28 -34.44 -3.64
C PRO C 860 12.79 -35.42 -2.60
N PHE C 861 14.05 -35.87 -2.72
CA PHE C 861 14.57 -36.84 -1.76
C PHE C 861 14.81 -36.20 -0.39
N VAL C 862 15.38 -35.00 -0.37
CA VAL C 862 15.56 -34.29 0.90
C VAL C 862 14.23 -33.94 1.52
N LEU C 863 13.23 -33.63 0.69
CA LEU C 863 11.88 -33.38 1.19
C LEU C 863 11.28 -34.64 1.79
N ILE C 864 11.49 -35.79 1.14
CA ILE C 864 11.03 -37.08 1.65
C ILE C 864 11.70 -37.39 2.98
N LEU C 865 12.96 -36.96 3.14
CA LEU C 865 13.69 -37.20 4.39
C LEU C 865 13.02 -36.53 5.60
N THR C 866 12.12 -35.57 5.38
CA THR C 866 11.38 -34.98 6.49
C THR C 866 10.28 -35.89 7.01
N VAL C 867 9.99 -37.00 6.35
CA VAL C 867 9.00 -37.96 6.84
C VAL C 867 9.62 -38.82 7.93
N PRO C 868 10.83 -39.39 7.78
CA PRO C 868 11.46 -40.02 8.95
C PRO C 868 11.74 -39.06 10.09
N LEU C 869 11.98 -37.79 9.80
CA LEU C 869 12.22 -36.82 10.86
C LEU C 869 11.00 -36.68 11.77
N ARG C 870 9.80 -36.58 11.18
CA ARG C 870 8.59 -36.46 11.97
C ARG C 870 8.23 -37.77 12.66
N ARG C 871 8.45 -38.90 12.00
CA ARG C 871 7.97 -40.18 12.50
C ARG C 871 8.96 -40.88 13.43
N VAL C 872 10.25 -40.57 13.35
CA VAL C 872 11.27 -41.21 14.16
C VAL C 872 11.96 -40.23 15.11
N LEU C 873 12.54 -39.16 14.56
CA LEU C 873 13.35 -38.24 15.36
C LEU C 873 12.51 -37.32 16.24
N LEU C 874 11.38 -36.84 15.72
CA LEU C 874 10.50 -35.97 16.52
C LEU C 874 9.94 -36.63 17.77
N PRO C 875 9.47 -37.89 17.77
CA PRO C 875 9.06 -38.50 19.04
C PRO C 875 10.19 -38.64 20.06
N LEU C 876 11.45 -38.62 19.63
CA LEU C 876 12.56 -38.71 20.55
C LEU C 876 12.71 -37.47 21.41
N ILE C 877 12.17 -36.33 20.99
CA ILE C 877 12.25 -35.09 21.75
C ILE C 877 10.90 -34.49 22.07
N PHE C 878 9.81 -34.96 21.44
CA PHE C 878 8.48 -34.43 21.68
C PHE C 878 7.56 -35.54 22.18
N ARG C 879 6.70 -35.19 23.12
CA ARG C 879 5.71 -36.13 23.61
C ARG C 879 4.64 -36.36 22.54
N ASN C 880 3.88 -37.44 22.69
CA ASN C 880 2.87 -37.79 21.70
C ASN C 880 1.75 -36.76 21.68
N VAL C 881 1.42 -36.19 22.84
CA VAL C 881 0.41 -35.14 22.90
C VAL C 881 0.85 -33.91 22.12
N GLU C 882 2.12 -33.51 22.29
CA GLU C 882 2.64 -32.35 21.58
C GLU C 882 2.64 -32.58 20.08
N LEU C 883 3.00 -33.79 19.65
CA LEU C 883 2.99 -34.11 18.23
C LEU C 883 1.57 -34.16 17.67
N GLN C 884 0.62 -34.65 18.46
CA GLN C 884 -0.78 -34.63 18.02
C GLN C 884 -1.29 -33.21 17.86
N CYS C 885 -0.94 -32.33 18.79
CA CYS C 885 -1.41 -30.95 18.71
C CYS C 885 -0.74 -30.19 17.58
N LEU C 886 0.59 -30.29 17.48
CA LEU C 886 1.31 -29.50 16.49
C LEU C 886 1.14 -30.08 15.09
N ASP C 887 1.31 -31.39 14.94
CA ASP C 887 1.16 -32.08 13.66
C ASP C 887 -0.20 -32.78 13.68
N ALA C 888 -1.25 -32.03 13.36
CA ALA C 888 -2.62 -32.52 13.38
C ALA C 888 -3.13 -32.63 11.96
N ASP C 889 -3.76 -33.76 11.63
CA ASP C 889 -4.29 -33.95 10.29
C ASP C 889 -5.48 -33.04 10.02
N ASP C 890 -6.41 -32.94 10.98
CA ASP C 890 -7.62 -32.15 10.81
C ASP C 890 -7.75 -31.05 11.84
N ALA C 891 -6.64 -30.62 12.44
CA ALA C 891 -6.61 -29.54 13.43
C ALA C 891 -7.51 -29.87 14.63
N LYS C 892 -7.15 -30.94 15.33
CA LYS C 892 -7.88 -31.41 16.49
C LYS C 892 -6.99 -31.42 17.73
N ALA C 893 -7.59 -31.18 18.88
CA ALA C 893 -6.85 -31.15 20.15
C ALA C 893 -6.74 -32.55 20.74
N THR C 894 -6.00 -33.39 20.04
CA THR C 894 -5.76 -34.79 20.41
C THR C 894 -7.06 -35.56 20.63
N PRO D 371 -14.53 27.69 30.28
CA PRO D 371 -13.66 28.76 29.78
C PRO D 371 -14.41 29.77 28.91
N LEU D 372 -15.48 29.31 28.24
CA LEU D 372 -16.26 30.17 27.38
C LEU D 372 -17.30 30.99 28.15
N GLN D 373 -17.32 30.90 29.48
CA GLN D 373 -18.25 31.71 30.27
C GLN D 373 -17.85 33.17 30.22
N GLN D 374 -18.85 34.05 30.28
CA GLN D 374 -18.65 35.49 30.24
C GLN D 374 -18.69 36.02 31.67
N THR D 375 -17.53 36.44 32.17
CA THR D 375 -17.42 36.88 33.56
C THR D 375 -18.05 38.24 33.80
N GLY D 376 -18.02 39.12 32.80
CA GLY D 376 -18.50 40.47 32.96
C GLY D 376 -17.47 41.47 33.45
N GLN D 377 -16.28 41.01 33.84
CA GLN D 377 -15.20 41.87 34.27
C GLN D 377 -14.27 42.13 33.10
N LEU D 378 -13.65 43.31 33.07
CA LEU D 378 -12.72 43.65 32.01
C LEU D 378 -11.51 42.73 32.04
N PHE D 379 -11.16 42.18 30.89
CA PHE D 379 -10.10 41.19 30.73
C PHE D 379 -10.31 39.95 31.59
N GLY D 380 -11.56 39.65 31.94
CA GLY D 380 -11.83 38.52 32.81
C GLY D 380 -11.49 37.19 32.18
N GLY D 381 -11.76 37.05 30.88
CA GLY D 381 -11.41 35.83 30.19
C GLY D 381 -9.91 35.62 30.09
N LEU D 382 -9.17 36.72 29.82
CA LEU D 382 -7.72 36.63 29.77
C LEU D 382 -7.14 36.26 31.14
N VAL D 383 -7.68 36.85 32.20
CA VAL D 383 -7.16 36.59 33.55
C VAL D 383 -7.52 35.17 33.98
N ARG D 384 -8.74 34.72 33.69
CA ARG D 384 -9.14 33.35 34.03
C ARG D 384 -8.29 32.33 33.29
N ASP D 385 -7.88 32.65 32.06
CA ASP D 385 -7.04 31.73 31.30
C ASP D 385 -5.67 31.56 31.94
N ILE D 386 -5.11 32.65 32.48
CA ILE D 386 -3.81 32.57 33.12
C ILE D 386 -3.88 31.76 34.42
N ARG D 387 -4.92 31.99 35.22
CA ARG D 387 -5.06 31.26 36.47
C ARG D 387 -5.37 29.77 36.25
N ARG D 388 -5.80 29.39 35.05
CA ARG D 388 -6.18 28.01 34.78
C ARG D 388 -5.00 27.16 34.31
N ARG D 389 -4.16 27.71 33.43
CA ARG D 389 -3.12 26.93 32.78
C ARG D 389 -1.74 27.11 33.42
N TYR D 390 -1.41 28.33 33.84
CA TYR D 390 -0.07 28.59 34.35
C TYR D 390 0.31 27.80 35.61
N PRO D 391 -0.62 27.42 36.52
CA PRO D 391 -0.22 26.52 37.61
C PRO D 391 0.31 25.16 37.15
N TYR D 392 0.02 24.78 35.91
CA TYR D 392 0.52 23.53 35.35
C TYR D 392 1.88 23.68 34.68
N TYR D 393 2.58 24.80 34.88
CA TYR D 393 3.78 25.10 34.11
C TYR D 393 4.90 24.10 34.41
N LEU D 394 5.04 23.71 35.68
CA LEU D 394 6.08 22.75 36.03
C LEU D 394 5.85 21.40 35.35
N SER D 395 4.59 20.97 35.27
CA SER D 395 4.26 19.75 34.54
C SER D 395 4.46 19.95 33.04
N ASP D 396 4.25 21.18 32.56
CA ASP D 396 4.38 21.46 31.12
C ASP D 396 5.80 21.30 30.62
N ILE D 397 6.78 21.19 31.51
CA ILE D 397 8.16 20.90 31.15
C ILE D 397 8.49 19.43 31.37
N THR D 398 8.08 18.88 32.52
CA THR D 398 8.50 17.53 32.88
C THR D 398 7.71 16.44 32.16
N ASP D 399 6.53 16.75 31.61
CA ASP D 399 5.79 15.72 30.89
C ASP D 399 6.38 15.45 29.51
N ALA D 400 7.32 16.30 29.06
CA ALA D 400 7.93 16.12 27.76
C ALA D 400 9.11 15.13 27.78
N PHE D 401 9.45 14.64 28.95
CA PHE D 401 10.63 13.74 29.06
C PHE D 401 10.19 12.32 28.69
N SER D 402 9.68 12.15 27.47
CA SER D 402 9.27 10.84 26.95
C SER D 402 9.77 10.70 25.52
N PRO D 403 9.98 9.48 24.98
CA PRO D 403 10.37 9.29 23.58
C PRO D 403 9.32 9.83 22.59
N GLN D 404 8.03 9.70 22.89
CA GLN D 404 6.93 10.14 21.97
C GLN D 404 7.04 11.63 21.73
N VAL D 405 7.39 12.40 22.76
CA VAL D 405 7.58 13.87 22.59
C VAL D 405 8.73 14.15 21.61
N LEU D 406 9.85 13.43 21.68
CA LEU D 406 10.96 13.62 20.70
C LEU D 406 10.54 13.27 19.27
N ALA D 407 9.79 12.19 19.09
CA ALA D 407 9.34 11.76 17.75
C ALA D 407 8.42 12.82 17.16
N ALA D 408 7.56 13.39 17.99
CA ALA D 408 6.62 14.44 17.54
C ALA D 408 7.41 15.65 17.06
N VAL D 409 8.50 15.99 17.74
CA VAL D 409 9.31 17.19 17.38
C VAL D 409 9.89 17.01 15.98
N ILE D 410 10.40 15.83 15.66
CA ILE D 410 10.90 15.57 14.28
C ILE D 410 9.74 15.64 13.28
N PHE D 411 8.58 15.10 13.64
CA PHE D 411 7.40 15.08 12.76
C PHE D 411 6.89 16.52 12.59
N ILE D 412 6.62 17.22 13.69
CA ILE D 412 6.09 18.56 13.54
C ILE D 412 7.15 19.53 13.04
N TYR D 413 8.44 19.22 13.21
CA TYR D 413 9.47 20.06 12.62
C TYR D 413 9.32 20.13 11.10
N PHE D 414 9.22 18.98 10.43
CA PHE D 414 9.00 18.97 9.00
C PHE D 414 7.62 19.51 8.65
N ALA D 415 6.61 19.13 9.43
CA ALA D 415 5.23 19.54 9.15
C ALA D 415 5.04 21.04 9.26
N ALA D 416 5.94 21.73 9.97
CA ALA D 416 5.89 23.17 10.09
C ALA D 416 6.92 23.88 9.21
N LEU D 417 8.01 23.19 8.86
CA LEU D 417 9.05 23.80 8.05
C LEU D 417 8.68 23.83 6.58
N SER D 418 8.18 22.71 6.05
CA SER D 418 7.86 22.67 4.63
C SER D 418 6.77 23.65 4.22
N PRO D 419 5.63 23.76 4.93
CA PRO D 419 4.69 24.86 4.59
C PRO D 419 5.32 26.23 4.71
N ALA D 420 6.22 26.43 5.67
CA ALA D 420 6.90 27.71 5.80
C ALA D 420 7.71 28.03 4.55
N ILE D 421 8.48 27.06 4.07
CA ILE D 421 9.31 27.28 2.89
C ILE D 421 8.44 27.52 1.65
N THR D 422 7.41 26.68 1.47
CA THR D 422 6.56 26.81 0.29
C THR D 422 5.83 28.14 0.27
N PHE D 423 5.21 28.50 1.41
CA PHE D 423 4.47 29.75 1.48
C PHE D 423 5.39 30.96 1.40
N GLY D 424 6.61 30.85 1.95
CA GLY D 424 7.55 31.95 1.84
C GLY D 424 8.01 32.18 0.41
N GLY D 425 8.29 31.11 -0.32
CA GLY D 425 8.64 31.25 -1.73
C GLY D 425 7.50 31.81 -2.55
N LEU D 426 6.28 31.36 -2.31
CA LEU D 426 5.11 31.88 -3.06
C LEU D 426 4.85 33.32 -2.63
N LEU D 427 5.10 33.64 -1.36
CA LEU D 427 4.94 35.01 -0.85
C LEU D 427 5.95 35.90 -1.56
N GLY D 428 7.17 35.40 -1.75
CA GLY D 428 8.23 36.20 -2.39
C GLY D 428 7.95 36.41 -3.86
N GLU D 429 7.38 35.40 -4.52
CA GLU D 429 7.02 35.53 -5.93
C GLU D 429 5.89 36.54 -6.12
N LYS D 430 4.94 36.61 -5.20
CA LYS D 430 3.79 37.55 -5.41
C LYS D 430 4.09 38.95 -4.86
N THR D 431 4.95 39.07 -3.85
CA THR D 431 5.25 40.37 -3.17
C THR D 431 6.52 41.00 -3.74
N ARG D 432 7.17 40.38 -4.73
CA ARG D 432 8.48 40.88 -5.26
C ARG D 432 9.54 40.84 -4.17
N ASN D 433 9.47 39.86 -3.27
CA ASN D 433 10.52 39.60 -2.26
C ASN D 433 10.46 40.63 -1.12
N GLN D 434 9.39 41.43 -1.06
CA GLN D 434 9.22 42.35 0.10
C GLN D 434 9.07 41.45 1.32
N MET D 435 8.34 40.34 1.19
CA MET D 435 8.28 39.33 2.26
C MET D 435 8.63 38.00 1.58
N GLY D 436 9.45 37.16 2.19
CA GLY D 436 9.89 35.90 1.55
C GLY D 436 10.13 34.76 2.52
N VAL D 437 11.05 33.86 2.21
CA VAL D 437 11.22 32.66 3.02
C VAL D 437 11.88 32.99 4.35
N SER D 438 12.88 33.86 4.35
CA SER D 438 13.62 34.18 5.57
C SER D 438 12.74 34.91 6.57
N GLU D 439 11.96 35.89 6.09
CA GLU D 439 11.08 36.64 6.98
C GLU D 439 10.02 35.73 7.59
N LEU D 440 9.44 34.85 6.77
CA LEU D 440 8.44 33.92 7.27
C LEU D 440 9.03 32.94 8.27
N LEU D 441 10.26 32.47 8.01
CA LEU D 441 10.90 31.53 8.92
C LEU D 441 11.19 32.18 10.28
N ILE D 442 11.73 33.40 10.25
CA ILE D 442 12.04 34.10 11.50
C ILE D 442 10.76 34.41 12.28
N SER D 443 9.72 34.86 11.56
CA SER D 443 8.44 35.15 12.22
C SER D 443 7.86 33.88 12.84
N THR D 444 7.89 32.77 12.11
CA THR D 444 7.37 31.51 12.63
C THR D 444 8.14 31.07 13.87
N ALA D 445 9.47 31.17 13.82
CA ALA D 445 10.29 30.76 14.96
C ALA D 445 9.99 31.60 16.19
N VAL D 446 10.03 32.93 16.03
CA VAL D 446 9.86 33.82 17.18
C VAL D 446 8.46 33.67 17.77
N GLN D 447 7.44 33.67 16.91
CA GLN D 447 6.07 33.57 17.40
C GLN D 447 5.80 32.21 18.02
N GLY D 448 6.36 31.14 17.46
CA GLY D 448 6.18 29.83 18.05
C GLY D 448 6.86 29.71 19.40
N ILE D 449 8.06 30.27 19.53
CA ILE D 449 8.76 30.25 20.81
C ILE D 449 7.97 31.01 21.86
N LEU D 450 7.51 32.22 21.51
CA LEU D 450 6.78 33.03 22.47
C LEU D 450 5.42 32.42 22.81
N PHE D 451 4.81 31.72 21.86
CA PHE D 451 3.53 31.08 22.13
C PHE D 451 3.69 29.84 22.99
N ALA D 452 4.76 29.07 22.76
CA ALA D 452 5.01 27.90 23.58
C ALA D 452 5.39 28.28 25.00
N LEU D 453 6.10 29.41 25.16
CA LEU D 453 6.47 29.85 26.49
C LEU D 453 5.31 30.50 27.26
N LEU D 454 4.37 31.14 26.56
CA LEU D 454 3.32 31.91 27.23
C LEU D 454 1.90 31.47 26.93
N GLY D 455 1.66 30.69 25.87
CA GLY D 455 0.29 30.37 25.50
C GLY D 455 -0.34 29.38 26.46
N ALA D 456 -1.66 29.49 26.59
CA ALA D 456 -2.43 28.58 27.44
C ALA D 456 -2.75 27.26 26.75
N GLN D 457 -2.60 27.17 25.43
CA GLN D 457 -2.76 25.93 24.67
C GLN D 457 -1.51 25.73 23.84
N PRO D 458 -0.45 25.20 24.44
CA PRO D 458 0.84 25.11 23.74
C PRO D 458 0.86 24.07 22.63
N LEU D 459 -0.16 23.21 22.54
CA LEU D 459 -0.18 22.19 21.50
C LEU D 459 -0.52 22.76 20.12
N LEU D 460 -0.96 24.02 20.06
CA LEU D 460 -1.22 24.66 18.78
C LEU D 460 0.10 24.97 18.07
N VAL D 461 0.09 24.82 16.75
CA VAL D 461 1.24 25.14 15.90
C VAL D 461 0.92 26.43 15.17
N VAL D 462 1.74 27.45 15.39
CA VAL D 462 1.51 28.77 14.82
C VAL D 462 2.35 28.90 13.54
N GLY D 463 1.69 29.25 12.45
CA GLY D 463 2.39 29.36 11.19
C GLY D 463 1.53 30.05 10.15
N PHE D 464 2.05 30.08 8.93
CA PHE D 464 1.37 30.71 7.80
C PHE D 464 0.34 29.76 7.20
N SER D 465 -0.70 30.34 6.62
CA SER D 465 -1.79 29.59 6.02
C SER D 465 -2.10 30.13 4.63
N GLY D 466 -2.91 29.37 3.90
CA GLY D 466 -3.35 29.74 2.58
C GLY D 466 -4.17 31.02 2.50
N PRO D 467 -5.19 31.17 3.36
CA PRO D 467 -5.94 32.44 3.36
C PRO D 467 -5.08 33.66 3.67
N LEU D 468 -4.07 33.50 4.53
CA LEU D 468 -3.15 34.60 4.77
C LEU D 468 -2.39 34.97 3.50
N LEU D 469 -1.94 33.97 2.75
CA LEU D 469 -1.28 34.23 1.47
C LEU D 469 -2.22 34.92 0.48
N VAL D 470 -3.48 34.51 0.46
CA VAL D 470 -4.47 35.14 -0.42
C VAL D 470 -4.64 36.61 -0.04
N PHE D 471 -4.65 36.92 1.26
CA PHE D 471 -4.77 38.34 1.69
C PHE D 471 -3.50 39.12 1.31
N GLU D 472 -2.34 38.51 1.48
CA GLU D 472 -1.07 39.23 1.21
C GLU D 472 -1.01 39.59 -0.27
N GLU D 473 -1.40 38.70 -1.17
CA GLU D 473 -1.47 39.03 -2.62
C GLU D 473 -2.52 40.10 -2.87
N ALA D 474 -3.67 39.98 -2.23
CA ALA D 474 -4.76 40.94 -2.49
C ALA D 474 -4.32 42.32 -2.03
N PHE D 475 -3.68 42.41 -0.86
CA PHE D 475 -3.16 43.70 -0.36
C PHE D 475 -2.05 44.24 -1.27
N PHE D 476 -1.14 43.37 -1.71
CA PHE D 476 0.00 43.85 -2.53
C PHE D 476 -0.54 44.43 -3.82
N SER D 477 -1.50 43.72 -4.41
CA SER D 477 -2.10 44.19 -5.69
C SER D 477 -2.81 45.53 -5.50
N PHE D 478 -3.54 45.71 -4.39
CA PHE D 478 -4.17 47.03 -4.11
C PHE D 478 -3.11 48.11 -3.90
N CYS D 479 -2.06 47.81 -3.16
CA CYS D 479 -1.02 48.83 -2.86
C CYS D 479 -0.34 49.22 -4.17
N GLU D 480 -0.07 48.25 -5.05
CA GLU D 480 0.52 48.53 -6.37
C GLU D 480 -0.47 49.31 -7.24
N THR D 481 -1.75 48.95 -7.21
CA THR D 481 -2.72 49.70 -8.01
C THR D 481 -2.79 51.16 -7.57
N ASN D 482 -2.81 51.40 -6.26
CA ASN D 482 -2.94 52.74 -5.71
C ASN D 482 -1.59 53.42 -5.51
N GLY D 483 -0.49 52.70 -5.68
CA GLY D 483 0.82 53.36 -5.56
C GLY D 483 1.34 53.41 -4.14
N LEU D 484 0.66 52.77 -3.18
CA LEU D 484 1.10 52.70 -1.76
C LEU D 484 2.28 51.75 -1.62
N GLU D 485 3.08 51.88 -0.57
CA GLU D 485 4.14 50.86 -0.32
C GLU D 485 3.46 49.74 0.45
N TYR D 486 3.53 48.52 -0.06
CA TYR D 486 2.84 47.37 0.58
C TYR D 486 3.41 47.11 1.97
N ILE D 487 4.74 47.13 2.10
CA ILE D 487 5.35 46.78 3.42
C ILE D 487 4.92 47.83 4.46
N VAL D 488 4.93 49.10 4.09
CA VAL D 488 4.49 50.21 5.01
C VAL D 488 3.00 50.06 5.33
N GLY D 489 2.19 49.70 4.35
CA GLY D 489 0.73 49.56 4.54
C GLY D 489 0.41 48.46 5.53
N ARG D 490 1.15 47.37 5.49
CA ARG D 490 0.98 46.26 6.44
C ARG D 490 1.27 46.74 7.85
N VAL D 491 2.29 47.58 8.01
CA VAL D 491 2.73 48.06 9.35
C VAL D 491 1.54 48.71 10.02
N TRP D 492 0.75 49.40 9.22
CA TRP D 492 -0.42 50.06 9.80
C TRP D 492 -1.56 49.09 10.06
N ILE D 493 -1.68 48.05 9.23
CA ILE D 493 -2.63 46.98 9.53
C ILE D 493 -2.26 46.30 10.84
N GLY D 494 -0.97 46.02 11.04
CA GLY D 494 -0.53 45.43 12.29
C GLY D 494 -0.76 46.35 13.48
N PHE D 495 -0.62 47.66 13.27
CA PHE D 495 -0.97 48.62 14.32
C PHE D 495 -2.45 48.55 14.66
N TRP D 496 -3.31 48.46 13.65
CA TRP D 496 -4.74 48.34 13.92
C TRP D 496 -5.11 46.97 14.45
N LEU D 497 -4.34 45.94 14.11
CA LEU D 497 -4.61 44.59 14.62
C LEU D 497 -4.46 44.53 16.13
N ILE D 498 -3.44 45.21 16.68
CA ILE D 498 -3.21 45.20 18.12
C ILE D 498 -4.36 45.89 18.84
N LEU D 499 -4.83 47.02 18.31
CA LEU D 499 -5.95 47.73 18.94
C LEU D 499 -7.22 46.90 18.95
N LEU D 500 -7.50 46.19 17.85
CA LEU D 500 -8.72 45.38 17.77
C LEU D 500 -8.69 44.23 18.77
N VAL D 501 -7.54 43.55 18.87
CA VAL D 501 -7.48 42.36 19.71
C VAL D 501 -7.50 42.75 21.20
N VAL D 502 -6.93 43.90 21.54
CA VAL D 502 -6.96 44.34 22.94
C VAL D 502 -8.39 44.65 23.36
N LEU D 503 -9.15 45.33 22.50
CA LEU D 503 -10.54 45.62 22.81
C LEU D 503 -11.38 44.35 22.89
N VAL D 504 -11.14 43.41 21.98
CA VAL D 504 -11.91 42.16 21.97
C VAL D 504 -11.64 41.35 23.24
N VAL D 505 -10.37 41.26 23.62
CA VAL D 505 -10.01 40.53 24.84
C VAL D 505 -10.53 41.27 26.07
N ALA D 506 -10.52 42.61 26.03
CA ALA D 506 -10.98 43.39 27.17
C ALA D 506 -12.44 43.12 27.48
N PHE D 507 -13.29 43.05 26.45
CA PHE D 507 -14.71 42.81 26.62
C PHE D 507 -15.08 41.33 26.49
N GLU D 508 -14.10 40.44 26.59
CA GLU D 508 -14.32 38.99 26.50
C GLU D 508 -15.04 38.61 25.21
N GLY D 509 -14.59 39.19 24.09
CA GLY D 509 -15.20 38.89 22.80
C GLY D 509 -14.99 37.47 22.33
N SER D 510 -14.06 36.74 22.94
CA SER D 510 -13.82 35.35 22.56
C SER D 510 -14.90 34.42 23.07
N PHE D 511 -15.85 34.93 23.87
CA PHE D 511 -16.92 34.08 24.38
C PHE D 511 -17.92 33.69 23.29
N LEU D 512 -17.92 34.39 22.15
CA LEU D 512 -18.81 34.01 21.06
C LEU D 512 -18.40 32.69 20.41
N VAL D 513 -17.22 32.18 20.74
CA VAL D 513 -16.77 30.88 20.25
C VAL D 513 -17.68 29.76 20.72
N ARG D 514 -18.35 29.93 21.87
CA ARG D 514 -19.22 28.90 22.42
C ARG D 514 -20.41 28.59 21.52
N PHE D 515 -20.74 29.46 20.58
CA PHE D 515 -21.84 29.24 19.66
C PHE D 515 -21.41 28.54 18.37
N ILE D 516 -20.13 28.21 18.24
CA ILE D 516 -19.62 27.40 17.13
C ILE D 516 -19.67 25.95 17.60
N SER D 517 -20.72 25.23 17.21
CA SER D 517 -20.93 23.89 17.70
C SER D 517 -20.10 22.88 16.92
N ARG D 518 -20.32 21.60 17.21
CA ARG D 518 -19.64 20.52 16.48
C ARG D 518 -19.96 20.55 15.00
N TYR D 519 -21.13 21.10 14.63
CA TYR D 519 -21.51 21.27 13.23
C TYR D 519 -20.44 22.04 12.46
N THR D 520 -20.23 23.31 12.84
CA THR D 520 -19.30 24.18 12.13
C THR D 520 -17.86 23.70 12.29
N GLN D 521 -17.50 23.22 13.49
CA GLN D 521 -16.14 22.73 13.72
C GLN D 521 -15.82 21.56 12.81
N GLU D 522 -16.73 20.59 12.73
CA GLU D 522 -16.48 19.43 11.89
C GLU D 522 -16.48 19.78 10.41
N ILE D 523 -17.38 20.68 10.00
CA ILE D 523 -17.39 21.11 8.60
C ILE D 523 -16.07 21.78 8.23
N PHE D 524 -15.60 22.69 9.08
CA PHE D 524 -14.35 23.39 8.83
C PHE D 524 -13.16 22.44 8.80
N SER D 525 -13.09 21.53 9.78
CA SER D 525 -11.95 20.62 9.83
C SER D 525 -11.94 19.68 8.63
N PHE D 526 -13.10 19.17 8.22
CA PHE D 526 -13.17 18.30 7.06
C PHE D 526 -12.77 19.04 5.79
N LEU D 527 -13.24 20.29 5.65
CA LEU D 527 -12.87 21.08 4.47
C LEU D 527 -11.37 21.34 4.43
N ILE D 528 -10.78 21.69 5.58
CA ILE D 528 -9.34 21.98 5.63
C ILE D 528 -8.54 20.72 5.31
N SER D 529 -8.94 19.58 5.86
CA SER D 529 -8.23 18.34 5.59
C SER D 529 -8.33 17.94 4.12
N LEU D 530 -9.52 18.09 3.53
CA LEU D 530 -9.69 17.79 2.12
C LEU D 530 -8.84 18.71 1.25
N ILE D 531 -8.78 19.99 1.59
CA ILE D 531 -7.95 20.93 0.85
C ILE D 531 -6.47 20.55 0.97
N PHE D 532 -6.05 20.15 2.17
CA PHE D 532 -4.66 19.75 2.37
C PHE D 532 -4.30 18.54 1.52
N ILE D 533 -5.18 17.53 1.51
CA ILE D 533 -4.94 16.34 0.69
C ILE D 533 -4.92 16.71 -0.79
N TYR D 534 -5.85 17.57 -1.21
CA TYR D 534 -5.93 17.97 -2.61
C TYR D 534 -4.66 18.69 -3.07
N GLU D 535 -4.15 19.61 -2.25
CA GLU D 535 -2.93 20.31 -2.62
C GLU D 535 -1.73 19.39 -2.58
N THR D 536 -1.70 18.45 -1.63
CA THR D 536 -0.61 17.48 -1.58
C THR D 536 -0.55 16.65 -2.85
N PHE D 537 -1.72 16.20 -3.34
CA PHE D 537 -1.74 15.47 -4.60
C PHE D 537 -1.41 16.38 -5.79
N SER D 538 -1.93 17.61 -5.78
CA SER D 538 -1.71 18.53 -6.88
C SER D 538 -0.24 18.86 -7.05
N LYS D 539 0.54 18.85 -5.96
CA LYS D 539 1.98 19.04 -6.09
C LYS D 539 2.62 17.89 -6.88
N LEU D 540 2.17 16.66 -6.64
CA LEU D 540 2.67 15.52 -7.41
C LEU D 540 2.27 15.62 -8.88
N ILE D 541 1.02 16.04 -9.15
CA ILE D 541 0.63 16.24 -10.55
C ILE D 541 1.47 17.35 -11.19
N LYS D 542 1.81 18.40 -10.42
CA LYS D 542 2.68 19.43 -10.94
C LYS D 542 4.06 18.88 -11.28
N ILE D 543 4.59 17.98 -10.44
CA ILE D 543 5.86 17.33 -10.74
C ILE D 543 5.76 16.54 -12.04
N PHE D 544 4.63 15.84 -12.24
CA PHE D 544 4.44 15.07 -13.46
C PHE D 544 4.30 15.96 -14.69
N GLN D 545 3.70 17.15 -14.55
CA GLN D 545 3.62 18.06 -15.68
C GLN D 545 4.98 18.67 -16.02
N ASP D 546 5.78 18.98 -14.99
CA ASP D 546 7.08 19.58 -15.25
C ASP D 546 8.05 18.60 -15.90
N HIS D 547 7.95 17.31 -15.55
CA HIS D 547 8.81 16.27 -16.13
C HIS D 547 7.92 15.14 -16.65
N PRO D 548 7.31 15.34 -17.82
CA PRO D 548 6.41 14.30 -18.35
C PRO D 548 7.18 13.10 -18.86
N LEU D 549 6.46 11.98 -18.98
CA LEU D 549 7.03 10.76 -19.52
C LEU D 549 7.10 10.86 -21.04
N GLN D 550 8.32 10.80 -21.57
CA GLN D 550 8.57 10.97 -23.01
C GLN D 550 9.48 9.86 -23.50
N LYS D 551 9.40 9.59 -24.81
CA LYS D 551 10.32 8.65 -25.42
C LYS D 551 11.76 9.16 -25.37
N THR D 552 11.95 10.44 -25.66
CA THR D 552 13.27 11.05 -25.69
C THR D 552 13.29 12.27 -24.79
N TYR D 553 14.44 12.52 -24.18
CA TYR D 553 14.71 13.73 -23.42
C TYR D 553 15.99 14.37 -23.96
N ASN D 554 16.26 15.59 -23.50
CA ASN D 554 17.52 16.26 -23.75
C ASN D 554 18.47 15.89 -22.62
N TYR D 555 19.56 15.20 -22.95
CA TYR D 555 20.50 14.76 -21.92
C TYR D 555 21.34 15.91 -21.39
N ASN D 556 21.31 17.07 -22.05
CA ASN D 556 22.01 18.27 -21.60
C ASN D 556 20.97 19.34 -21.30
N VAL D 557 20.52 19.39 -20.06
CA VAL D 557 19.53 20.35 -19.60
C VAL D 557 20.14 21.16 -18.45
N LEU D 558 19.98 22.48 -18.51
CA LEU D 558 20.50 23.36 -17.46
C LEU D 558 19.85 23.02 -16.12
N MET D 559 20.68 22.98 -15.07
CA MET D 559 20.23 22.56 -13.76
C MET D 559 19.90 23.74 -12.84
N VAL D 560 20.76 24.76 -12.83
CA VAL D 560 20.59 25.90 -11.95
C VAL D 560 19.64 26.92 -12.58
N PRO D 561 18.72 27.52 -11.81
CA PRO D 561 18.44 27.25 -10.38
C PRO D 561 17.54 26.03 -10.22
N LYS D 562 16.62 25.82 -11.15
CA LYS D 562 15.79 24.64 -11.27
C LYS D 562 15.93 24.13 -12.69
N PRO D 563 15.68 22.84 -12.92
CA PRO D 563 15.84 22.29 -14.27
C PRO D 563 15.01 23.05 -15.31
N GLN D 564 15.63 23.33 -16.45
CA GLN D 564 15.03 24.13 -17.50
C GLN D 564 14.26 23.30 -18.51
N GLY D 565 14.17 21.98 -18.28
CA GLY D 565 13.44 21.10 -19.15
C GLY D 565 13.11 19.80 -18.47
N PRO D 566 12.34 18.94 -19.14
CA PRO D 566 11.97 17.64 -18.54
C PRO D 566 13.19 16.77 -18.32
N LEU D 567 13.14 15.96 -17.27
CA LEU D 567 14.20 15.03 -16.94
C LEU D 567 13.63 13.63 -16.79
N PRO D 568 14.36 12.61 -17.23
CA PRO D 568 13.87 11.23 -17.11
C PRO D 568 13.80 10.79 -15.65
N ASN D 569 12.82 9.92 -15.38
CA ASN D 569 12.66 9.20 -14.12
C ASN D 569 12.29 10.10 -12.95
N THR D 570 12.20 11.41 -13.17
CA THR D 570 11.97 12.34 -12.05
C THR D 570 10.56 12.19 -11.49
N ALA D 571 9.55 12.22 -12.36
CA ALA D 571 8.17 12.15 -11.90
C ALA D 571 7.84 10.78 -11.30
N LEU D 572 8.31 9.71 -11.95
CA LEU D 572 8.04 8.38 -11.44
C LEU D 572 8.75 8.13 -10.11
N LEU D 573 9.98 8.60 -9.96
CA LEU D 573 10.67 8.45 -8.69
C LEU D 573 10.03 9.29 -7.61
N SER D 574 9.52 10.48 -7.96
CA SER D 574 8.79 11.28 -6.99
C SER D 574 7.54 10.55 -6.51
N LEU D 575 6.76 9.95 -7.40
CA LEU D 575 5.58 9.15 -6.96
C LEU D 575 6.01 7.97 -6.04
N VAL D 576 7.08 7.25 -6.36
CA VAL D 576 7.56 6.11 -5.55
C VAL D 576 7.98 6.57 -4.15
N LEU D 577 8.67 7.71 -4.05
CA LEU D 577 9.15 8.24 -2.76
C LEU D 577 7.95 8.80 -1.99
N MET D 578 6.90 9.22 -2.68
CA MET D 578 5.69 9.61 -1.96
C MET D 578 4.90 8.39 -1.49
N ALA D 579 4.66 7.45 -2.39
CA ALA D 579 3.90 6.23 -2.04
C ALA D 579 4.62 5.49 -0.92
N GLY D 580 5.93 5.31 -1.03
CA GLY D 580 6.68 4.56 -0.02
C GLY D 580 6.66 5.22 1.34
N THR D 581 6.79 6.55 1.37
CA THR D 581 6.73 7.28 2.65
C THR D 581 5.35 7.04 3.26
N PHE D 582 4.29 7.21 2.47
CA PHE D 582 2.95 7.03 3.01
C PHE D 582 2.73 5.59 3.46
N PHE D 583 3.17 4.64 2.66
CA PHE D 583 3.06 3.20 2.99
C PHE D 583 3.74 2.88 4.33
N PHE D 584 5.03 3.18 4.48
CA PHE D 584 5.75 2.80 5.72
C PHE D 584 5.13 3.54 6.92
N ALA D 585 4.75 4.80 6.75
CA ALA D 585 4.10 5.57 7.82
C ALA D 585 2.85 4.84 8.28
N MET D 586 2.00 4.42 7.33
CA MET D 586 0.77 3.74 7.72
C MET D 586 1.05 2.33 8.25
N MET D 587 2.04 1.63 7.69
CA MET D 587 2.38 0.31 8.21
C MET D 587 2.93 0.40 9.63
N LEU D 588 3.76 1.41 9.90
CA LEU D 588 4.26 1.56 11.27
C LEU D 588 3.17 2.02 12.23
N ARG D 589 2.21 2.82 11.74
CA ARG D 589 1.07 3.19 12.57
C ARG D 589 0.22 1.97 12.92
N LYS D 590 0.01 1.08 11.95
CA LYS D 590 -0.71 -0.16 12.22
C LYS D 590 0.11 -1.08 13.11
N PHE D 591 1.43 -1.05 12.98
CA PHE D 591 2.30 -1.89 13.80
C PHE D 591 2.27 -1.44 15.26
N LYS D 592 2.11 -0.13 15.50
CA LYS D 592 2.00 0.36 16.86
C LYS D 592 0.79 -0.22 17.57
N ASN D 593 -0.34 -0.32 16.87
CA ASN D 593 -1.55 -0.90 17.45
C ASN D 593 -1.56 -2.43 17.31
N SER D 594 -0.57 -2.99 16.65
CA SER D 594 -0.53 -4.43 16.41
C SER D 594 -0.13 -5.18 17.68
N SER D 595 -0.07 -6.50 17.57
CA SER D 595 0.28 -7.37 18.67
C SER D 595 1.63 -8.06 18.47
N TYR D 596 2.53 -7.41 17.72
CA TYR D 596 3.85 -8.02 17.39
C TYR D 596 5.01 -7.35 18.13
N PHE D 597 5.90 -8.14 18.71
CA PHE D 597 7.14 -7.67 19.42
C PHE D 597 6.81 -7.35 20.86
N PRO D 598 7.80 -7.13 21.73
CA PRO D 598 7.53 -6.72 23.11
C PRO D 598 6.85 -5.35 23.02
N GLY D 599 5.87 -5.08 23.86
CA GLY D 599 5.05 -3.87 23.71
C GLY D 599 5.79 -2.55 23.82
N LYS D 600 6.72 -2.46 24.76
CA LYS D 600 7.50 -1.22 24.91
C LYS D 600 8.32 -0.96 23.65
N LEU D 601 8.94 -1.99 23.08
CA LEU D 601 9.69 -1.83 21.82
C LEU D 601 8.75 -1.42 20.69
N ARG D 602 7.58 -2.04 20.62
CA ARG D 602 6.58 -1.74 19.56
C ARG D 602 6.12 -0.31 19.70
N ARG D 603 5.88 0.11 20.94
CA ARG D 603 5.39 1.49 21.20
C ARG D 603 6.45 2.51 20.79
N VAL D 604 7.72 2.24 21.08
CA VAL D 604 8.81 3.20 20.75
C VAL D 604 9.02 3.17 19.24
N ILE D 605 8.88 2.00 18.63
CA ILE D 605 9.02 1.99 17.17
C ILE D 605 7.84 2.69 16.51
N GLY D 606 6.62 2.43 16.98
CA GLY D 606 5.45 3.07 16.41
C GLY D 606 5.42 4.57 16.63
N ASP D 607 6.00 5.06 17.71
CA ASP D 607 6.05 6.52 17.98
C ASP D 607 7.00 7.19 17.00
N PHE D 608 8.05 6.50 16.60
CA PHE D 608 9.08 7.04 15.69
C PHE D 608 8.69 6.67 14.26
N GLY D 609 7.51 6.07 14.10
CA GLY D 609 7.01 5.70 12.77
C GLY D 609 7.36 6.70 11.69
N VAL D 610 6.80 7.89 11.76
CA VAL D 610 7.02 8.91 10.73
C VAL D 610 8.50 9.25 10.57
N PRO D 611 9.29 9.49 11.63
CA PRO D 611 10.74 9.68 11.41
C PRO D 611 11.42 8.48 10.76
N ILE D 612 11.00 7.25 11.12
CA ILE D 612 11.60 6.07 10.50
C ILE D 612 11.28 6.01 9.01
N SER D 613 10.03 6.29 8.65
CA SER D 613 9.67 6.30 7.23
C SER D 613 10.42 7.39 6.47
N ILE D 614 10.54 8.58 7.07
CA ILE D 614 11.29 9.67 6.44
C ILE D 614 12.74 9.27 6.24
N LEU D 615 13.35 8.66 7.26
CA LEU D 615 14.75 8.23 7.15
C LEU D 615 14.91 7.18 6.06
N ILE D 616 14.02 6.20 6.03
CA ILE D 616 14.13 5.10 5.04
C ILE D 616 14.09 5.69 3.64
N MET D 617 13.03 6.40 3.28
CA MET D 617 12.84 6.92 1.90
C MET D 617 13.91 7.93 1.50
N VAL D 618 14.31 8.81 2.41
CA VAL D 618 15.38 9.81 2.12
C VAL D 618 16.65 9.03 1.83
N LEU D 619 16.90 7.98 2.59
CA LEU D 619 18.07 7.12 2.38
C LEU D 619 17.95 6.47 1.02
N VAL D 620 16.75 6.03 0.64
CA VAL D 620 16.52 5.42 -0.70
C VAL D 620 16.82 6.45 -1.80
N ASP D 621 16.39 7.69 -1.64
CA ASP D 621 16.69 8.73 -2.65
C ASP D 621 18.19 9.05 -2.61
N PHE D 622 18.80 8.93 -1.44
CA PHE D 622 20.22 9.27 -1.35
C PHE D 622 21.08 8.26 -2.10
N PHE D 623 20.68 7.01 -2.11
CA PHE D 623 21.48 5.96 -2.79
C PHE D 623 21.24 5.98 -4.31
N ILE D 624 20.10 6.46 -4.77
CA ILE D 624 19.94 6.61 -6.24
C ILE D 624 20.45 8.02 -6.51
N GLN D 625 21.62 8.13 -7.14
CA GLN D 625 22.22 9.48 -7.27
C GLN D 625 22.18 9.93 -8.72
N ASP D 626 21.86 9.02 -9.62
CA ASP D 626 21.73 9.49 -11.00
C ASP D 626 20.46 10.30 -11.23
N THR D 627 19.36 9.94 -10.56
CA THR D 627 18.09 10.58 -10.81
C THR D 627 17.95 11.85 -9.97
N TYR D 628 17.40 12.89 -10.59
CA TYR D 628 17.16 14.16 -9.93
C TYR D 628 15.83 14.13 -9.19
N THR D 629 15.82 14.64 -7.95
CA THR D 629 14.60 14.86 -7.20
C THR D 629 14.70 16.24 -6.53
N GLN D 630 13.59 16.96 -6.51
CA GLN D 630 13.57 18.28 -5.91
C GLN D 630 13.75 18.17 -4.39
N LYS D 631 14.62 19.02 -3.84
CA LYS D 631 14.98 18.98 -2.44
C LYS D 631 14.52 20.26 -1.75
N LEU D 632 14.57 20.25 -0.42
CA LEU D 632 14.28 21.45 0.36
C LEU D 632 15.36 22.51 0.13
N SER D 633 14.92 23.75 0.00
CA SER D 633 15.81 24.88 -0.30
C SER D 633 15.56 25.99 0.70
N VAL D 634 16.37 26.02 1.77
CA VAL D 634 16.33 27.11 2.74
C VAL D 634 17.18 28.26 2.21
N PRO D 635 16.93 29.51 2.63
CA PRO D 635 17.79 30.61 2.19
C PRO D 635 19.21 30.49 2.74
N ASP D 636 20.10 31.27 2.13
CA ASP D 636 21.52 31.17 2.48
C ASP D 636 21.81 31.70 3.88
N GLY D 637 21.10 32.74 4.31
CA GLY D 637 21.36 33.29 5.63
C GLY D 637 20.19 34.10 6.13
N PHE D 638 20.37 34.67 7.32
CA PHE D 638 19.33 35.47 7.98
C PHE D 638 19.39 36.91 7.47
N LYS D 639 18.98 37.07 6.21
CA LYS D 639 18.91 38.37 5.57
C LYS D 639 17.53 38.53 4.95
N VAL D 640 17.11 39.78 4.77
CA VAL D 640 15.83 40.04 4.14
C VAL D 640 15.86 39.53 2.70
N SER D 641 14.69 39.11 2.20
CA SER D 641 14.62 38.54 0.86
C SER D 641 14.99 39.56 -0.20
N ASN D 642 14.79 40.85 0.11
CA ASN D 642 15.13 41.94 -0.79
C ASN D 642 15.88 43.01 -0.01
N SER D 643 17.21 43.02 -0.14
CA SER D 643 18.04 44.02 0.52
C SER D 643 17.95 45.39 -0.14
N SER D 644 17.29 45.50 -1.29
CA SER D 644 17.15 46.78 -1.98
C SER D 644 15.79 47.43 -1.77
N ALA D 645 14.79 46.66 -1.32
CA ALA D 645 13.44 47.18 -1.18
C ALA D 645 13.15 47.66 0.24
N ARG D 646 13.64 46.93 1.25
CA ARG D 646 13.36 47.27 2.63
C ARG D 646 14.47 46.72 3.52
N GLY D 647 14.54 47.26 4.74
CA GLY D 647 15.42 46.76 5.77
C GLY D 647 14.68 45.87 6.74
N TRP D 648 15.32 45.62 7.90
CA TRP D 648 14.67 44.82 8.92
C TRP D 648 13.52 45.56 9.58
N VAL D 649 13.66 46.88 9.74
CA VAL D 649 12.65 47.72 10.39
C VAL D 649 11.99 48.58 9.32
N ILE D 650 10.66 48.63 9.34
CA ILE D 650 9.88 49.39 8.38
C ILE D 650 9.38 50.65 9.05
N HIS D 651 9.67 51.79 8.44
CA HIS D 651 9.18 53.06 8.96
C HIS D 651 7.70 53.21 8.66
N PRO D 652 6.85 53.46 9.66
CA PRO D 652 5.41 53.62 9.40
C PRO D 652 5.07 54.82 8.52
N LEU D 653 5.95 55.80 8.39
CA LEU D 653 5.70 56.96 7.55
C LEU D 653 6.15 56.77 6.10
N GLY D 654 6.85 55.70 5.79
CA GLY D 654 7.25 55.40 4.42
C GLY D 654 8.75 55.17 4.28
N LEU D 655 9.11 54.40 3.25
CA LEU D 655 10.51 54.11 2.96
C LEU D 655 11.04 54.96 1.81
N ARG D 656 10.41 54.85 0.63
CA ARG D 656 10.78 55.67 -0.52
C ARG D 656 9.78 56.77 -0.82
N SER D 657 8.55 56.67 -0.30
CA SER D 657 7.53 57.68 -0.49
C SER D 657 6.79 57.88 0.82
N GLU D 658 6.34 59.11 1.07
CA GLU D 658 5.62 59.41 2.29
C GLU D 658 4.26 58.73 2.29
N PHE D 659 3.96 58.04 3.38
CA PHE D 659 2.72 57.27 3.46
C PHE D 659 1.53 58.22 3.62
N PRO D 660 0.48 58.08 2.81
CA PRO D 660 -0.66 59.01 2.92
C PRO D 660 -1.39 58.84 4.24
N ILE D 661 -2.04 59.93 4.68
CA ILE D 661 -2.68 59.94 5.99
C ILE D 661 -4.02 59.23 5.93
N TRP D 662 -4.62 59.13 4.74
CA TRP D 662 -5.92 58.47 4.63
C TRP D 662 -5.79 56.96 4.81
N MET D 663 -4.69 56.38 4.32
CA MET D 663 -4.51 54.94 4.40
C MET D 663 -4.16 54.51 5.82
N MET D 664 -3.68 55.44 6.64
CA MET D 664 -3.44 55.13 8.05
C MET D 664 -4.75 54.79 8.76
N PHE D 665 -5.83 55.48 8.42
CA PHE D 665 -7.16 55.14 8.92
C PHE D 665 -7.84 54.09 8.07
N ALA D 666 -7.51 54.02 6.78
CA ALA D 666 -8.08 53.01 5.89
C ALA D 666 -7.48 51.64 6.09
N SER D 667 -6.45 51.51 6.93
CA SER D 667 -5.87 50.21 7.23
C SER D 667 -6.74 49.39 8.19
N ALA D 668 -7.79 49.99 8.76
CA ALA D 668 -8.61 49.29 9.74
C ALA D 668 -9.45 48.18 9.09
N LEU D 669 -9.99 48.44 7.90
CA LEU D 669 -10.78 47.41 7.22
C LEU D 669 -9.97 46.18 6.84
N PRO D 670 -8.79 46.29 6.21
CA PRO D 670 -7.96 45.08 6.05
C PRO D 670 -7.56 44.47 7.38
N ALA D 671 -7.35 45.30 8.40
CA ALA D 671 -7.08 44.78 9.74
C ALA D 671 -8.27 44.00 10.28
N LEU D 672 -9.48 44.51 10.04
CA LEU D 672 -10.67 43.78 10.47
C LEU D 672 -10.77 42.44 9.76
N LEU D 673 -10.50 42.41 8.45
CA LEU D 673 -10.56 41.15 7.72
C LEU D 673 -9.51 40.17 8.20
N VAL D 674 -8.28 40.64 8.44
CA VAL D 674 -7.21 39.80 8.94
C VAL D 674 -7.55 39.26 10.32
N PHE D 675 -8.10 40.12 11.18
CA PHE D 675 -8.52 39.68 12.51
C PHE D 675 -9.60 38.62 12.43
N ILE D 676 -10.56 38.79 11.51
CA ILE D 676 -11.62 37.79 11.35
C ILE D 676 -11.03 36.45 10.92
N LEU D 677 -10.12 36.48 9.93
CA LEU D 677 -9.51 35.25 9.44
C LEU D 677 -8.73 34.54 10.55
N ILE D 678 -7.84 35.28 11.22
CA ILE D 678 -6.99 34.69 12.25
C ILE D 678 -7.85 34.19 13.42
N PHE D 679 -8.83 34.99 13.83
CA PHE D 679 -9.72 34.60 14.92
C PHE D 679 -10.42 33.30 14.60
N LEU D 680 -11.09 33.23 13.45
CA LEU D 680 -11.86 32.03 13.14
C LEU D 680 -10.97 30.81 13.04
N GLU D 681 -9.84 30.93 12.33
CA GLU D 681 -8.95 29.78 12.17
C GLU D 681 -8.41 29.31 13.51
N SER D 682 -7.87 30.23 14.30
CA SER D 682 -7.22 29.85 15.56
C SER D 682 -8.23 29.33 16.58
N GLN D 683 -9.38 29.98 16.71
CA GLN D 683 -10.34 29.56 17.73
C GLN D 683 -11.03 28.25 17.35
N ILE D 684 -11.32 28.04 16.06
CA ILE D 684 -11.89 26.74 15.67
C ILE D 684 -10.84 25.64 15.83
N THR D 685 -9.58 25.94 15.54
CA THR D 685 -8.52 24.96 15.80
C THR D 685 -8.42 24.62 17.28
N THR D 686 -8.53 25.64 18.15
CA THR D 686 -8.50 25.39 19.58
C THR D 686 -9.69 24.57 20.03
N LEU D 687 -10.87 24.83 19.45
CA LEU D 687 -12.04 24.02 19.73
C LEU D 687 -11.81 22.57 19.35
N ILE D 688 -11.22 22.35 18.16
CA ILE D 688 -11.02 21.00 17.66
C ILE D 688 -10.02 20.23 18.53
N VAL D 689 -8.90 20.88 18.89
CA VAL D 689 -7.87 20.17 19.63
C VAL D 689 -8.21 20.02 21.11
N SER D 690 -9.15 20.80 21.63
CA SER D 690 -9.52 20.74 23.04
C SER D 690 -10.91 20.14 23.25
N LYS D 691 -11.33 19.24 22.38
CA LYS D 691 -12.61 18.56 22.56
C LYS D 691 -12.52 17.64 23.78
N PRO D 692 -13.63 17.44 24.50
CA PRO D 692 -13.58 16.53 25.66
C PRO D 692 -13.21 15.10 25.30
N GLU D 693 -13.56 14.66 24.09
CA GLU D 693 -13.28 13.30 23.65
C GLU D 693 -11.80 13.07 23.36
N ARG D 694 -11.01 14.15 23.34
CA ARG D 694 -9.58 14.06 23.13
C ARG D 694 -8.79 13.90 24.42
N LYS D 695 -9.47 13.93 25.58
CA LYS D 695 -8.85 13.74 26.89
C LYS D 695 -7.77 14.79 27.17
N MET D 696 -8.19 16.04 27.16
CA MET D 696 -7.34 17.17 27.54
C MET D 696 -7.74 17.60 28.94
N VAL D 697 -6.81 17.47 29.90
CA VAL D 697 -7.12 17.69 31.30
C VAL D 697 -6.47 18.97 31.79
N LYS D 698 -5.76 19.67 30.91
CA LYS D 698 -5.00 20.85 31.29
C LYS D 698 -5.65 22.17 30.88
N GLY D 699 -6.73 22.15 30.11
CA GLY D 699 -7.43 23.36 29.75
C GLY D 699 -6.78 24.10 28.59
N SER D 700 -7.50 25.10 28.10
CA SER D 700 -7.01 25.93 27.00
C SER D 700 -7.52 27.35 27.20
N GLY D 701 -6.79 28.30 26.62
CA GLY D 701 -7.17 29.70 26.74
C GLY D 701 -7.63 30.32 25.45
N PHE D 702 -8.92 30.59 25.33
CA PHE D 702 -9.44 31.19 24.10
C PHE D 702 -9.17 32.69 24.04
N HIS D 703 -8.86 33.30 25.18
CA HIS D 703 -8.57 34.74 25.22
C HIS D 703 -7.07 35.01 25.19
N LEU D 704 -6.29 34.22 25.93
CA LEU D 704 -4.85 34.43 25.97
C LEU D 704 -4.19 34.07 24.64
N ASP D 705 -4.61 32.97 24.02
CA ASP D 705 -4.00 32.54 22.77
C ASP D 705 -4.30 33.53 21.64
N LEU D 706 -5.53 34.00 21.56
CA LEU D 706 -5.88 34.99 20.53
C LEU D 706 -5.10 36.27 20.74
N LEU D 707 -5.00 36.74 21.99
CA LEU D 707 -4.22 37.93 22.29
C LEU D 707 -2.77 37.76 21.86
N LEU D 708 -2.16 36.62 22.22
CA LEU D 708 -0.77 36.38 21.86
C LEU D 708 -0.59 36.35 20.34
N VAL D 709 -1.45 35.60 19.64
CA VAL D 709 -1.28 35.43 18.19
C VAL D 709 -1.42 36.77 17.48
N VAL D 710 -2.51 37.50 17.76
CA VAL D 710 -2.76 38.73 17.01
C VAL D 710 -1.77 39.82 17.42
N GLY D 711 -1.39 39.89 18.70
CA GLY D 711 -0.41 40.87 19.12
C GLY D 711 0.96 40.63 18.52
N MET D 712 1.39 39.36 18.49
CA MET D 712 2.66 39.03 17.85
C MET D 712 2.62 39.31 16.36
N GLY D 713 1.47 39.06 15.71
CA GLY D 713 1.35 39.42 14.31
C GLY D 713 1.44 40.91 14.07
N GLY D 714 0.77 41.70 14.92
CA GLY D 714 0.85 43.15 14.79
C GLY D 714 2.23 43.69 15.03
N VAL D 715 2.96 43.10 15.99
CA VAL D 715 4.34 43.52 16.23
C VAL D 715 5.24 43.11 15.07
N ALA D 716 5.06 41.89 14.54
CA ALA D 716 5.90 41.43 13.44
C ALA D 716 5.61 42.21 12.16
N ALA D 717 4.44 42.82 12.07
CA ALA D 717 4.15 43.70 10.93
C ALA D 717 5.13 44.87 10.89
N LEU D 718 5.52 45.39 12.06
CA LEU D 718 6.47 46.50 12.11
C LEU D 718 7.83 46.10 11.57
N PHE D 719 8.21 44.83 11.72
CA PHE D 719 9.49 44.33 11.22
C PHE D 719 9.39 43.79 9.80
N GLY D 720 8.30 44.07 9.10
CA GLY D 720 8.13 43.55 7.75
C GLY D 720 8.03 42.04 7.70
N MET D 721 7.26 41.45 8.61
CA MET D 721 7.17 40.01 8.73
C MET D 721 5.70 39.58 8.71
N PRO D 722 5.41 38.36 8.25
CA PRO D 722 4.01 37.93 8.18
C PRO D 722 3.39 37.73 9.56
N TRP D 723 2.13 38.13 9.69
CA TRP D 723 1.34 37.70 10.84
C TRP D 723 0.88 36.27 10.62
N LEU D 724 0.78 35.52 11.71
CA LEU D 724 0.50 34.10 11.64
C LEU D 724 -0.86 33.80 12.28
N SER D 725 -1.20 32.52 12.32
CA SER D 725 -2.43 32.03 12.94
C SER D 725 -2.23 30.58 13.31
N ALA D 726 -3.03 30.10 14.25
CA ALA D 726 -3.01 28.69 14.60
C ALA D 726 -3.59 27.87 13.45
N THR D 727 -2.78 26.99 12.88
CA THR D 727 -3.15 26.24 11.69
C THR D 727 -3.77 24.91 12.07
N THR D 728 -4.89 24.58 11.44
CA THR D 728 -5.72 23.47 11.89
C THR D 728 -5.03 22.13 11.69
N VAL D 729 -4.53 21.87 10.48
CA VAL D 729 -3.94 20.57 10.18
C VAL D 729 -2.68 20.34 11.00
N ARG D 730 -1.81 21.35 11.07
CA ARG D 730 -0.56 21.23 11.83
C ARG D 730 -0.83 21.00 13.31
N SER D 731 -1.78 21.75 13.89
CA SER D 731 -2.07 21.60 15.31
C SER D 731 -2.74 20.27 15.61
N VAL D 732 -3.63 19.82 14.75
CA VAL D 732 -4.26 18.52 14.95
C VAL D 732 -3.24 17.40 14.83
N THR D 733 -2.30 17.52 13.89
CA THR D 733 -1.23 16.54 13.77
C THR D 733 -0.34 16.55 15.01
N HIS D 734 -0.06 17.74 15.55
CA HIS D 734 0.75 17.84 16.76
C HIS D 734 0.05 17.20 17.95
N ALA D 735 -1.26 17.43 18.08
CA ALA D 735 -2.02 16.84 19.18
C ALA D 735 -2.13 15.33 19.03
N ASN D 736 -2.27 14.85 17.79
CA ASN D 736 -2.39 13.41 17.57
C ASN D 736 -1.07 12.69 17.83
N ALA D 737 0.05 13.34 17.51
CA ALA D 737 1.35 12.72 17.73
C ALA D 737 1.68 12.60 19.21
N LEU D 738 1.04 13.43 20.05
CA LEU D 738 1.22 13.39 21.49
C LEU D 738 0.13 12.59 22.19
N THR D 739 -0.78 11.98 21.43
CA THR D 739 -1.88 11.22 22.00
C THR D 739 -1.42 9.80 22.31
N VAL D 740 -1.74 9.32 23.51
CA VAL D 740 -1.44 7.96 23.93
C VAL D 740 -2.73 7.15 23.91
N MET D 741 -2.70 6.01 23.23
CA MET D 741 -3.88 5.17 23.06
C MET D 741 -3.86 4.03 24.05
N GLY D 742 -5.03 3.72 24.62
CA GLY D 742 -5.16 2.66 25.59
C GLY D 742 -5.38 1.30 24.96
N LYS D 743 -5.66 0.32 25.83
CA LYS D 743 -5.89 -1.05 25.38
C LYS D 743 -7.38 -1.39 25.42
N ALA D 751 -7.51 1.64 20.82
CA ALA D 751 -8.86 1.90 20.36
C ALA D 751 -9.44 3.13 21.04
N GLN D 752 -9.11 3.31 22.32
CA GLN D 752 -9.58 4.43 23.10
C GLN D 752 -8.40 5.32 23.49
N ILE D 753 -8.65 6.63 23.59
CA ILE D 753 -7.61 7.57 23.98
C ILE D 753 -7.42 7.54 25.48
N GLN D 754 -6.18 7.33 25.93
CA GLN D 754 -5.86 7.29 27.34
C GLN D 754 -5.47 8.65 27.91
N GLU D 755 -4.50 9.32 27.29
CA GLU D 755 -4.06 10.64 27.75
C GLU D 755 -3.35 11.32 26.59
N VAL D 756 -3.16 12.63 26.72
CA VAL D 756 -2.39 13.42 25.78
C VAL D 756 -1.21 14.04 26.52
N LYS D 757 -0.01 13.91 25.94
CA LYS D 757 1.20 14.49 26.53
C LYS D 757 1.16 16.00 26.33
N GLU D 758 0.42 16.67 27.20
CA GLU D 758 0.28 18.13 27.15
C GLU D 758 1.51 18.77 27.78
N GLN D 759 2.32 19.42 26.96
CA GLN D 759 3.54 20.06 27.45
C GLN D 759 3.90 21.20 26.50
N ARG D 760 4.92 21.96 26.89
CA ARG D 760 5.36 23.12 26.11
C ARG D 760 6.65 22.88 25.35
N ILE D 761 7.41 21.85 25.69
CA ILE D 761 8.75 21.67 25.12
C ILE D 761 8.67 21.30 23.64
N SER D 762 7.64 20.54 23.25
CA SER D 762 7.55 20.06 21.87
C SER D 762 7.41 21.21 20.89
N GLY D 763 6.43 22.09 21.11
CA GLY D 763 6.23 23.21 20.20
C GLY D 763 7.38 24.19 20.23
N LEU D 764 7.95 24.41 21.42
CA LEU D 764 9.10 25.30 21.55
C LEU D 764 10.29 24.78 20.76
N LEU D 765 10.55 23.46 20.85
CA LEU D 765 11.65 22.87 20.10
C LEU D 765 11.38 22.89 18.60
N VAL D 766 10.11 22.71 18.21
CA VAL D 766 9.76 22.82 16.79
C VAL D 766 10.05 24.23 16.27
N ALA D 767 9.67 25.25 17.05
CA ALA D 767 9.94 26.62 16.64
C ALA D 767 11.44 26.91 16.60
N VAL D 768 12.19 26.39 17.57
CA VAL D 768 13.64 26.58 17.59
C VAL D 768 14.28 25.94 16.36
N LEU D 769 13.84 24.72 16.02
CA LEU D 769 14.38 24.05 14.84
C LEU D 769 14.01 24.79 13.56
N VAL D 770 12.79 25.35 13.50
CA VAL D 770 12.40 26.15 12.34
C VAL D 770 13.30 27.38 12.21
N GLY D 771 13.61 28.03 13.34
CA GLY D 771 14.51 29.16 13.29
C GLY D 771 15.92 28.78 12.90
N LEU D 772 16.38 27.60 13.32
CA LEU D 772 17.71 27.12 12.99
C LEU D 772 17.76 26.42 11.64
N SER D 773 16.65 26.35 10.92
CA SER D 773 16.60 25.59 9.67
C SER D 773 17.54 26.17 8.62
N ILE D 774 17.82 27.47 8.70
CA ILE D 774 18.78 28.09 7.78
C ILE D 774 20.18 27.51 8.00
N LEU D 775 20.57 27.24 9.24
CA LEU D 775 21.89 26.73 9.55
C LEU D 775 22.07 25.26 9.19
N MET D 776 20.99 24.48 9.15
CA MET D 776 21.09 23.05 8.84
C MET D 776 20.77 22.76 7.37
N GLU D 777 21.20 23.65 6.47
CA GLU D 777 21.05 23.40 5.04
C GLU D 777 21.67 22.09 4.56
N PRO D 778 22.88 21.66 4.98
CA PRO D 778 23.40 20.37 4.49
C PRO D 778 22.49 19.18 4.80
N ILE D 779 21.84 19.15 5.94
CA ILE D 779 20.91 18.07 6.26
C ILE D 779 19.63 18.18 5.45
N LEU D 780 19.07 19.39 5.34
CA LEU D 780 17.79 19.58 4.66
C LEU D 780 17.92 19.52 3.14
N SER D 781 19.12 19.65 2.58
CA SER D 781 19.30 19.58 1.14
C SER D 781 19.29 18.16 0.61
N ARG D 782 19.28 17.16 1.48
CA ARG D 782 19.22 15.77 1.07
C ARG D 782 17.83 15.16 1.24
N ILE D 783 16.83 15.95 1.62
CA ILE D 783 15.48 15.46 1.88
C ILE D 783 14.62 15.86 0.68
N PRO D 784 14.09 14.91 -0.08
CA PRO D 784 13.23 15.26 -1.21
C PRO D 784 11.86 15.72 -0.74
N LEU D 785 11.19 16.47 -1.61
CA LEU D 785 9.83 16.91 -1.30
C LEU D 785 8.85 15.74 -1.35
N ALA D 786 9.13 14.72 -2.16
CA ALA D 786 8.21 13.59 -2.32
C ALA D 786 8.02 12.84 -1.00
N VAL D 787 9.10 12.67 -0.25
CA VAL D 787 9.00 12.09 1.09
C VAL D 787 8.08 12.94 1.96
N LEU D 788 8.29 14.26 1.93
CA LEU D 788 7.41 15.16 2.66
C LEU D 788 6.00 15.13 2.10
N PHE D 789 5.84 14.88 0.79
CA PHE D 789 4.51 14.77 0.21
C PHE D 789 3.76 13.56 0.77
N GLY D 790 4.45 12.42 0.88
CA GLY D 790 3.84 11.26 1.51
C GLY D 790 3.51 11.52 2.97
N ILE D 791 4.38 12.25 3.67
CA ILE D 791 4.10 12.61 5.05
C ILE D 791 2.86 13.50 5.14
N PHE D 792 2.71 14.44 4.21
CA PHE D 792 1.54 15.32 4.22
C PHE D 792 0.26 14.55 3.91
N LEU D 793 0.33 13.59 2.99
CA LEU D 793 -0.83 12.76 2.72
C LEU D 793 -1.20 11.93 3.94
N TYR D 794 -0.20 11.44 4.67
CA TYR D 794 -0.44 10.75 5.93
C TYR D 794 -1.13 11.66 6.94
N MET D 795 -0.65 12.91 7.06
CA MET D 795 -1.25 13.85 8.00
C MET D 795 -2.70 14.14 7.63
N GLY D 796 -2.97 14.35 6.34
CA GLY D 796 -4.32 14.63 5.90
C GLY D 796 -5.26 13.44 6.13
N VAL D 797 -4.75 12.23 5.94
CA VAL D 797 -5.58 11.05 6.16
C VAL D 797 -5.87 10.86 7.65
N THR D 798 -4.83 10.98 8.49
CA THR D 798 -5.01 10.75 9.92
C THR D 798 -5.71 11.90 10.63
N SER D 799 -5.84 13.06 9.98
CA SER D 799 -6.58 14.16 10.59
C SER D 799 -8.08 13.96 10.53
N LEU D 800 -8.57 12.93 9.85
CA LEU D 800 -10.00 12.67 9.70
C LEU D 800 -10.55 11.73 10.76
N SER D 801 -9.73 11.27 11.69
CA SER D 801 -10.12 10.17 12.57
C SER D 801 -11.26 10.56 13.51
N GLY D 802 -11.17 11.74 14.11
CA GLY D 802 -12.15 12.16 15.10
C GLY D 802 -13.34 12.92 14.58
N ILE D 803 -13.46 13.12 13.28
CA ILE D 803 -14.53 13.95 12.71
C ILE D 803 -15.76 13.08 12.49
N GLN D 804 -16.86 13.41 13.16
CA GLN D 804 -18.08 12.61 13.06
C GLN D 804 -18.75 12.78 11.70
N LEU D 805 -18.52 13.91 11.03
CA LEU D 805 -19.05 14.09 9.68
C LEU D 805 -18.43 13.07 8.73
N PHE D 806 -17.15 12.77 8.91
CA PHE D 806 -16.49 11.78 8.06
C PHE D 806 -16.99 10.37 8.36
N ASP D 807 -17.27 10.08 9.63
CA ASP D 807 -17.86 8.79 9.96
C ASP D 807 -19.26 8.66 9.37
N ARG D 808 -20.05 9.74 9.41
CA ARG D 808 -21.39 9.68 8.85
C ARG D 808 -21.37 9.62 7.33
N ILE D 809 -20.35 10.20 6.69
CA ILE D 809 -20.19 10.05 5.25
C ILE D 809 -19.86 8.59 4.91
N LEU D 810 -19.02 7.96 5.73
CA LEU D 810 -18.71 6.55 5.53
C LEU D 810 -19.93 5.66 5.76
N LEU D 811 -20.89 6.08 6.57
CA LEU D 811 -22.10 5.26 6.90
C LEU D 811 -23.05 5.32 5.71
N LEU D 812 -22.92 6.30 4.83
CA LEU D 812 -23.76 6.41 3.61
C LEU D 812 -23.51 5.21 2.70
N PHE D 813 -22.27 4.74 2.59
CA PHE D 813 -21.89 3.61 1.70
C PHE D 813 -21.96 2.28 2.44
N LYS D 814 -22.34 2.29 3.71
CA LYS D 814 -22.42 1.05 4.51
C LYS D 814 -23.89 0.68 4.63
N PRO D 815 -24.25 -0.62 4.53
CA PRO D 815 -25.62 -1.05 4.73
C PRO D 815 -26.03 -0.74 6.17
N PRO D 816 -27.30 -0.45 6.45
CA PRO D 816 -27.73 0.03 7.78
C PRO D 816 -27.45 -0.91 8.96
N LYS D 817 -27.53 -2.22 8.78
CA LYS D 817 -27.27 -3.19 9.87
C LYS D 817 -25.85 -3.06 10.39
N TYR D 818 -24.86 -2.81 9.55
CA TYR D 818 -23.44 -2.59 9.94
C TYR D 818 -23.25 -1.33 10.80
N HIS D 819 -23.95 -0.22 10.52
CA HIS D 819 -23.91 1.02 11.38
C HIS D 819 -23.52 0.72 12.83
N PRO D 820 -22.61 1.49 13.46
CA PRO D 820 -22.08 1.21 14.80
C PRO D 820 -23.04 1.65 15.90
N ASP D 821 -22.68 1.24 17.12
CA ASP D 821 -23.47 1.55 18.31
C ASP D 821 -23.10 2.94 18.81
N VAL D 822 -23.72 3.95 18.20
CA VAL D 822 -23.52 5.34 18.60
C VAL D 822 -24.89 5.99 18.75
N PRO D 823 -24.97 7.07 19.54
CA PRO D 823 -26.27 7.73 19.76
C PRO D 823 -27.01 8.15 18.51
N TYR D 824 -26.32 8.63 17.49
CA TYR D 824 -27.01 9.13 16.30
C TYR D 824 -27.41 8.03 15.33
N VAL D 825 -27.19 6.77 15.67
CA VAL D 825 -27.66 5.66 14.84
C VAL D 825 -28.91 5.01 15.42
N LYS D 826 -28.91 4.70 16.72
CA LYS D 826 -30.04 4.02 17.34
C LYS D 826 -31.06 4.96 17.98
N ARG D 827 -30.89 6.28 17.83
CA ARG D 827 -31.93 7.22 18.26
C ARG D 827 -32.36 8.15 17.12
N VAL D 828 -31.76 8.03 15.94
CA VAL D 828 -32.16 8.76 14.76
C VAL D 828 -32.38 7.76 13.64
N LYS D 829 -33.46 7.94 12.88
CA LYS D 829 -33.69 7.09 11.71
C LYS D 829 -32.58 7.28 10.70
N THR D 830 -32.26 6.20 9.97
CA THR D 830 -31.10 6.16 9.09
C THR D 830 -31.21 7.21 7.98
N TRP D 831 -32.39 7.33 7.38
CA TRP D 831 -32.57 8.33 6.33
C TRP D 831 -32.52 9.74 6.87
N ARG D 832 -32.97 9.96 8.11
CA ARG D 832 -32.82 11.27 8.74
C ARG D 832 -31.35 11.62 8.96
N MET D 833 -30.57 10.65 9.44
CA MET D 833 -29.14 10.88 9.63
C MET D 833 -28.44 11.14 8.30
N HIS D 834 -28.85 10.42 7.25
CA HIS D 834 -28.25 10.65 5.94
C HIS D 834 -28.64 12.01 5.38
N LEU D 835 -29.87 12.47 5.66
CA LEU D 835 -30.26 13.82 5.27
C LEU D 835 -29.43 14.86 6.00
N PHE D 836 -29.20 14.65 7.30
CA PHE D 836 -28.36 15.56 8.08
C PHE D 836 -26.94 15.60 7.53
N THR D 837 -26.40 14.44 7.15
CA THR D 837 -25.08 14.38 6.55
C THR D 837 -25.04 15.10 5.19
N GLY D 838 -26.08 14.88 4.37
CA GLY D 838 -26.10 15.49 3.05
C GLY D 838 -26.24 17.00 3.11
N ILE D 839 -26.94 17.51 4.12
CA ILE D 839 -27.00 18.96 4.32
C ILE D 839 -25.61 19.51 4.62
N GLN D 840 -24.83 18.76 5.40
CA GLN D 840 -23.45 19.16 5.66
C GLN D 840 -22.59 19.05 4.41
N ILE D 841 -22.86 18.06 3.56
CA ILE D 841 -22.11 17.89 2.32
C ILE D 841 -22.34 19.08 1.39
N ILE D 842 -23.58 19.58 1.36
CA ILE D 842 -23.89 20.76 0.54
C ILE D 842 -23.10 21.96 1.05
N CYS D 843 -22.99 22.11 2.37
CA CYS D 843 -22.17 23.18 2.93
C CYS D 843 -20.71 23.01 2.54
N LEU D 844 -20.22 21.77 2.53
CA LEU D 844 -18.85 21.50 2.12
C LEU D 844 -18.62 21.92 0.67
N ALA D 845 -19.57 21.58 -0.21
CA ALA D 845 -19.45 21.96 -1.61
C ALA D 845 -19.50 23.48 -1.78
N VAL D 846 -20.38 24.14 -1.03
CA VAL D 846 -20.49 25.60 -1.13
C VAL D 846 -19.20 26.25 -0.68
N LEU D 847 -18.62 25.77 0.42
CA LEU D 847 -17.36 26.34 0.91
C LEU D 847 -16.22 26.04 -0.05
N TRP D 848 -16.23 24.87 -0.69
CA TRP D 848 -15.18 24.55 -1.66
C TRP D 848 -15.28 25.42 -2.90
N VAL D 849 -16.51 25.71 -3.36
CA VAL D 849 -16.69 26.59 -4.51
C VAL D 849 -16.21 27.99 -4.20
N VAL D 850 -16.56 28.50 -3.00
CA VAL D 850 -16.16 29.86 -2.63
C VAL D 850 -14.64 29.99 -2.56
N LYS D 851 -13.97 28.93 -2.09
CA LYS D 851 -12.52 28.96 -2.00
C LYS D 851 -11.88 29.07 -3.39
N SER D 852 -12.45 28.40 -4.39
CA SER D 852 -11.90 28.39 -5.74
C SER D 852 -12.38 29.57 -6.59
N THR D 853 -12.83 30.66 -5.97
CA THR D 853 -13.27 31.86 -6.67
C THR D 853 -12.34 33.02 -6.33
N PRO D 854 -12.39 34.13 -7.07
CA PRO D 854 -11.63 35.32 -6.64
C PRO D 854 -12.02 35.82 -5.26
N ALA D 855 -13.27 35.64 -4.86
CA ALA D 855 -13.74 36.05 -3.55
C ALA D 855 -13.54 34.95 -2.51
N SER D 856 -12.30 34.46 -2.39
CA SER D 856 -11.99 33.43 -1.42
C SER D 856 -11.76 33.99 -0.02
N LEU D 857 -11.57 35.30 0.11
CA LEU D 857 -11.44 35.91 1.43
C LEU D 857 -12.77 36.00 2.16
N ALA D 858 -13.88 35.73 1.49
CA ALA D 858 -15.19 35.67 2.13
C ALA D 858 -15.47 34.31 2.77
N LEU D 859 -14.50 33.39 2.70
CA LEU D 859 -14.65 32.07 3.31
C LEU D 859 -14.99 32.11 4.80
N PRO D 860 -14.39 32.96 5.64
CA PRO D 860 -14.84 33.01 7.06
C PRO D 860 -16.30 33.37 7.22
N PHE D 861 -16.82 34.30 6.41
CA PHE D 861 -18.22 34.69 6.54
C PHE D 861 -19.14 33.56 6.08
N VAL D 862 -18.80 32.89 4.99
CA VAL D 862 -19.62 31.78 4.51
C VAL D 862 -19.60 30.64 5.51
N LEU D 863 -18.45 30.42 6.16
CA LEU D 863 -18.38 29.41 7.21
C LEU D 863 -19.21 29.79 8.42
N ILE D 864 -19.18 31.07 8.82
CA ILE D 864 -19.96 31.51 9.96
C ILE D 864 -21.45 31.49 9.65
N LEU D 865 -21.80 31.47 8.36
CA LEU D 865 -23.20 31.32 7.97
C LEU D 865 -23.76 29.95 8.37
N THR D 866 -22.92 28.98 8.70
CA THR D 866 -23.41 27.67 9.11
C THR D 866 -24.01 27.70 10.51
N VAL D 867 -23.60 28.67 11.34
CA VAL D 867 -24.17 28.77 12.68
C VAL D 867 -25.66 29.12 12.67
N PRO D 868 -26.11 30.15 11.93
CA PRO D 868 -27.57 30.34 11.82
C PRO D 868 -28.29 29.17 11.17
N LEU D 869 -27.62 28.46 10.25
CA LEU D 869 -28.21 27.25 9.68
C LEU D 869 -28.45 26.20 10.75
N ARG D 870 -27.47 25.99 11.63
CA ARG D 870 -27.60 25.00 12.69
C ARG D 870 -28.63 25.42 13.73
N ARG D 871 -28.71 26.71 14.06
CA ARG D 871 -29.53 27.15 15.19
C ARG D 871 -30.95 27.55 14.81
N VAL D 872 -31.20 27.92 13.56
CA VAL D 872 -32.50 28.43 13.16
C VAL D 872 -33.20 27.50 12.18
N LEU D 873 -32.50 27.08 11.12
CA LEU D 873 -33.13 26.31 10.05
C LEU D 873 -33.19 24.82 10.36
N LEU D 874 -32.15 24.28 11.00
CA LEU D 874 -32.13 22.86 11.29
C LEU D 874 -33.15 22.43 12.35
N PRO D 875 -33.48 23.24 13.37
CA PRO D 875 -34.64 22.90 14.21
C PRO D 875 -35.94 22.77 13.44
N LEU D 876 -36.09 23.43 12.30
CA LEU D 876 -37.37 23.45 11.59
C LEU D 876 -37.73 22.07 11.04
N ILE D 877 -36.74 21.33 10.54
CA ILE D 877 -37.02 20.03 9.93
C ILE D 877 -36.46 18.86 10.73
N PHE D 878 -35.69 19.12 11.78
CA PHE D 878 -35.25 18.09 12.71
C PHE D 878 -35.83 18.37 14.09
N ARG D 879 -36.37 17.33 14.72
CA ARG D 879 -36.80 17.48 16.10
C ARG D 879 -35.58 17.59 17.02
N ASN D 880 -35.85 18.00 18.26
CA ASN D 880 -34.76 18.36 19.17
C ASN D 880 -33.90 17.15 19.51
N VAL D 881 -34.50 15.96 19.58
CA VAL D 881 -33.75 14.78 20.02
C VAL D 881 -32.69 14.39 18.97
N GLU D 882 -33.03 14.52 17.68
CA GLU D 882 -32.04 14.23 16.65
C GLU D 882 -30.93 15.28 16.64
N LEU D 883 -31.27 16.53 16.96
CA LEU D 883 -30.24 17.56 17.06
C LEU D 883 -29.30 17.30 18.22
N GLN D 884 -29.83 16.84 19.36
CA GLN D 884 -28.96 16.47 20.48
C GLN D 884 -28.09 15.27 20.14
N CYS D 885 -28.64 14.29 19.42
CA CYS D 885 -27.86 13.09 19.12
C CYS D 885 -26.80 13.35 18.05
N LEU D 886 -27.13 14.11 17.02
CA LEU D 886 -26.22 14.33 15.89
C LEU D 886 -25.19 15.41 16.18
N ASP D 887 -25.62 16.57 16.66
CA ASP D 887 -24.74 17.69 16.97
C ASP D 887 -24.59 17.74 18.49
N ALA D 888 -23.65 16.96 19.01
CA ALA D 888 -23.40 16.87 20.44
C ALA D 888 -21.97 17.29 20.74
N ASP D 889 -21.80 18.12 21.77
CA ASP D 889 -20.47 18.59 22.12
C ASP D 889 -19.59 17.48 22.68
N ASP D 890 -20.18 16.60 23.50
CA ASP D 890 -19.43 15.55 24.18
C ASP D 890 -19.79 14.15 23.67
N ALA D 891 -20.51 14.06 22.56
CA ALA D 891 -20.94 12.77 21.97
C ALA D 891 -21.73 11.94 22.98
N LYS D 892 -22.84 12.51 23.44
CA LYS D 892 -23.73 11.87 24.40
C LYS D 892 -25.06 11.53 23.74
N ALA D 893 -25.79 10.59 24.36
CA ALA D 893 -27.08 10.14 23.83
C ALA D 893 -28.22 10.95 24.41
N THR D 894 -28.07 12.28 24.33
CA THR D 894 -29.06 13.24 24.82
C THR D 894 -29.46 13.00 26.27
C1 NAG E . 16.87 -24.92 -35.04
C2 NAG E . 17.55 -23.92 -34.08
C3 NAG E . 18.91 -23.51 -34.62
C4 NAG E . 19.76 -24.72 -35.01
C5 NAG E . 18.96 -25.67 -35.89
C6 NAG E . 19.69 -26.97 -36.17
C7 NAG E . 16.85 -21.94 -32.81
C8 NAG E . 15.91 -20.77 -32.78
N2 NAG E . 16.72 -22.76 -33.87
O3 NAG E . 19.60 -22.74 -33.64
O4 NAG E . 20.87 -24.25 -35.75
O5 NAG E . 17.73 -26.02 -35.24
O6 NAG E . 19.31 -28.00 -35.27
O7 NAG E . 17.67 -22.13 -31.94
C1 NAG E . 22.07 -24.52 -35.00
C2 NAG E . 23.17 -24.73 -36.04
C3 NAG E . 24.50 -24.14 -35.54
C4 NAG E . 24.68 -24.40 -34.05
C5 NAG E . 23.53 -23.81 -33.25
C6 NAG E . 23.92 -22.53 -32.52
C7 NAG E . 22.96 -26.67 -37.52
C8 NAG E . 23.19 -28.14 -37.69
N2 NAG E . 23.33 -26.14 -36.36
O3 NAG E . 24.53 -22.75 -35.82
O4 NAG E . 24.72 -25.81 -33.83
O5 NAG E . 22.45 -23.46 -34.13
O6 NAG E . 24.78 -21.73 -33.30
O7 NAG E . 22.45 -25.99 -38.41
C1 BMA E . 26.00 -26.38 -33.37
C2 BMA E . 27.13 -26.26 -34.47
C3 BMA E . 28.32 -27.06 -34.02
C4 BMA E . 28.76 -26.52 -32.63
C5 BMA E . 27.58 -26.55 -31.61
C6 BMA E . 27.94 -25.97 -30.25
O2 BMA E . 27.63 -24.94 -34.61
O3 BMA E . 29.41 -26.98 -34.96
O4 BMA E . 29.88 -27.24 -32.12
O5 BMA E . 26.48 -25.80 -32.15
O6 BMA E . 27.28 -26.73 -29.25
C1 MAN E . 29.24 -27.77 -36.18
C2 MAN E . 29.12 -26.71 -37.38
C3 MAN E . 28.21 -27.19 -38.52
C4 MAN E . 28.09 -28.71 -38.52
C5 MAN E . 27.36 -29.09 -37.24
C6 MAN E . 27.07 -30.58 -37.15
O2 MAN E . 30.39 -26.46 -37.98
O3 MAN E . 28.65 -26.72 -39.78
O4 MAN E . 27.33 -29.12 -39.65
O5 MAN E . 28.16 -28.73 -36.06
O6 MAN E . 26.58 -31.01 -38.43
C1 MAN E . 30.96 -26.31 -32.00
C2 MAN E . 32.21 -26.71 -32.76
C3 MAN E . 33.27 -25.64 -32.60
C4 MAN E . 32.66 -24.42 -31.92
C5 MAN E . 32.11 -24.78 -30.55
C6 MAN E . 31.22 -23.70 -29.97
O2 MAN E . 31.89 -26.94 -34.12
O3 MAN E . 33.82 -25.29 -33.86
O4 MAN E . 33.65 -23.41 -31.77
O5 MAN E . 31.31 -25.97 -30.65
O6 MAN E . 30.06 -23.50 -30.78
C1 FUC E . 19.90 -29.25 -35.69
C2 FUC E . 21.02 -29.63 -34.69
C3 FUC E . 20.40 -29.95 -33.33
C4 FUC E . 19.41 -31.10 -33.46
C5 FUC E . 18.35 -30.77 -34.51
C6 FUC E . 17.49 -31.98 -34.86
O2 FUC E . 22.03 -28.63 -34.57
O3 FUC E . 21.42 -30.37 -32.42
O4 FUC E . 20.09 -32.30 -33.80
O5 FUC E . 18.92 -30.28 -35.77
C1 NAG F . 13.53 43.84 -4.92
C2 NAG F . 13.18 42.96 -6.12
C3 NAG F . 13.43 43.71 -7.42
C4 NAG F . 12.74 45.07 -7.40
C5 NAG F . 13.13 45.84 -6.16
C6 NAG F . 12.41 47.17 -6.01
C7 NAG F . 13.39 40.51 -6.26
C8 NAG F . 14.33 39.35 -6.21
N2 NAG F . 13.94 41.72 -6.09
O3 NAG F . 12.97 42.93 -8.51
O4 NAG F . 13.11 45.80 -8.57
O5 NAG F . 12.81 45.07 -4.99
O6 NAG F . 11.02 47.00 -5.79
O7 NAG F . 12.19 40.37 -6.46
C1 NAG F . 11.91 45.99 -9.34
C2 NAG F . 12.19 47.09 -10.35
C3 NAG F . 11.52 46.78 -11.69
C4 NAG F . 10.13 46.18 -11.47
C5 NAG F . 10.24 44.89 -10.67
C6 NAG F . 10.06 43.65 -11.51
C7 NAG F . 12.46 49.14 -9.02
C8 NAG F . 11.82 50.44 -8.59
N2 NAG F . 11.73 48.38 -9.84
O3 NAG F . 12.33 45.88 -12.43
O4 NAG F . 9.32 47.09 -10.75
O5 NAG F . 11.53 44.79 -10.05
O6 NAG F . 11.13 43.48 -12.42
O7 NAG F . 13.57 48.81 -8.64
C1 BMA F . 8.26 47.84 -11.45
C2 BMA F . 8.81 48.65 -12.67
C3 BMA F . 7.76 49.64 -13.07
C4 BMA F . 6.52 48.80 -13.54
C5 BMA F . 6.05 47.83 -12.40
C6 BMA F . 4.91 46.91 -12.83
O2 BMA F . 9.03 47.85 -13.81
O3 BMA F . 8.24 50.51 -14.12
O4 BMA F . 5.46 49.64 -13.96
O5 BMA F . 7.17 47.01 -11.94
O6 BMA F . 4.46 46.19 -11.69
C1 MAN F . 9.08 51.60 -13.64
C2 MAN F . 10.52 51.36 -14.20
C3 MAN F . 11.50 51.23 -13.05
C4 MAN F . 11.43 52.49 -12.19
C5 MAN F . 10.03 52.63 -11.56
C6 MAN F . 9.48 54.04 -11.61
O2 MAN F . 10.98 52.48 -14.97
O3 MAN F . 12.83 51.00 -13.50
O4 MAN F . 12.42 52.42 -11.16
O5 MAN F . 9.05 51.73 -12.20
O6 MAN F . 10.52 54.93 -11.20
C1 MAN F . 5.23 49.41 -15.37
C2 MAN F . 5.33 50.69 -16.17
C3 MAN F . 4.54 50.55 -17.46
C4 MAN F . 4.59 49.11 -17.95
C5 MAN F . 3.94 48.17 -16.95
C6 MAN F . 4.64 46.84 -16.84
O2 MAN F . 6.70 50.99 -16.42
O3 MAN F . 5.07 51.43 -18.46
O4 MAN F . 3.90 49.01 -19.20
O5 MAN F . 3.99 48.77 -15.64
O6 MAN F . 4.03 46.01 -15.86
C1 FUC F . 10.39 48.30 -5.84
C2 FUC F . 8.87 48.11 -6.04
C3 FUC F . 8.22 47.51 -4.79
C4 FUC F . 8.56 48.36 -3.55
C5 FUC F . 10.08 48.54 -3.43
C6 FUC F . 10.48 49.51 -2.33
O2 FUC F . 8.56 47.33 -7.20
O3 FUC F . 6.80 47.51 -4.93
O4 FUC F . 7.94 49.64 -3.66
O5 FUC F . 10.67 49.04 -4.65
C1 CLR G . 15.50 -54.26 -31.46
C2 CLR G . 15.98 -54.35 -32.91
C3 CLR G . 14.81 -54.62 -33.83
C4 CLR G . 13.78 -53.50 -33.69
C5 CLR G . 13.32 -53.32 -32.27
C6 CLR G . 12.04 -53.13 -31.99
C7 CLR G . 11.48 -52.85 -30.63
C8 CLR G . 12.56 -52.53 -29.60
C9 CLR G . 13.77 -53.45 -29.82
C10 CLR G . 14.40 -53.20 -31.20
C11 CLR G . 14.76 -53.40 -28.65
C12 CLR G . 14.11 -53.56 -27.28
C13 CLR G . 13.02 -52.52 -27.05
C14 CLR G . 12.01 -52.69 -28.20
C15 CLR G . 10.83 -51.82 -27.79
C16 CLR G . 10.80 -51.92 -26.26
C17 CLR G . 12.05 -52.75 -25.85
C18 CLR G . 13.63 -51.11 -27.01
C19 CLR G . 15.01 -51.79 -31.30
C20 CLR G . 12.51 -52.49 -24.39
C21 CLR G . 12.16 -53.65 -23.46
C22 CLR G . 11.98 -51.15 -23.85
C23 CLR G . 10.99 -51.20 -22.68
C24 CLR G . 9.62 -50.64 -23.08
C25 CLR G . 9.20 -49.34 -22.40
C26 CLR G . 10.17 -48.20 -22.74
C27 CLR G . 9.08 -49.47 -20.88
O1 CLR G . 15.29 -54.74 -35.16
C1 CLR H . 10.11 -20.47 29.09
C2 CLR H . 9.67 -21.24 30.33
C3 CLR H . 8.74 -20.41 31.19
C4 CLR H . 7.54 -19.94 30.38
C5 CLR H . 7.93 -19.23 29.11
C6 CLR H . 7.40 -18.07 28.78
C7 CLR H . 7.51 -17.41 27.44
C8 CLR H . 8.41 -18.15 26.46
C9 CLR H . 9.52 -18.89 27.21
C10 CLR H . 8.95 -19.93 28.22
C11 CLR H . 10.58 -19.48 26.27
C12 CLR H . 11.13 -18.47 25.25
C13 CLR H . 10.00 -17.81 24.46
C14 CLR H . 9.05 -17.17 25.48
C15 CLR H . 8.15 -16.25 24.66
C16 CLR H . 9.08 -15.73 23.54
C17 CLR H . 10.38 -16.57 23.60
C18 CLR H . 9.29 -18.86 23.58
C19 CLR H . 8.23 -21.09 27.49
C20 CLR H . 11.01 -16.74 22.21
C21 CLR H . 12.53 -16.86 22.26
C22 CLR H . 10.58 -15.60 21.29
C23 CLR H . 11.67 -15.06 20.39
C24 CLR H . 11.56 -15.54 18.98
C25 CLR H . 12.55 -14.92 18.00
C26 CLR H . 13.44 -15.99 17.36
C27 CLR H . 11.83 -14.12 16.91
O1 CLR H . 8.29 -21.20 32.30
C1 PLC I . 20.05 -2.78 -10.76
C2 PLC I . 19.07 -2.24 -9.74
C3 PLC I . 18.68 -3.24 -8.68
C4 PLC I . 23.66 -4.79 -12.13
C5 PLC I . 23.33 -5.85 -13.14
C6 PLC I . 23.11 -6.57 -15.48
C7 PLC I . 25.23 -5.69 -14.70
C8 PLC I . 23.35 -4.21 -14.97
C' PLC I . 19.47 0.13 -9.72
C1' PLC I . 19.34 1.27 -8.74
C2' PLC I . 17.97 1.88 -8.74
C3' PLC I . 17.01 1.16 -7.79
C4' PLC I . 15.76 1.95 -7.50
C5' PLC I . 14.92 1.41 -6.38
C6' PLC I . 13.46 1.75 -6.49
C7' PLC I . 12.88 2.35 -5.24
C8' PLC I . 12.20 1.36 -4.34
C9' PLC I . 11.65 1.94 -3.06
CA' PLC I . 10.22 1.57 -2.77
CB' PLC I . 9.93 1.40 -1.30
CB PLC I . 16.54 -3.15 -7.71
C1B PLC I . 15.98 -3.12 -6.32
C2B PLC I . 14.87 -2.12 -6.17
C3B PLC I . 13.65 -2.45 -6.99
C4B PLC I . 12.36 -1.97 -6.39
C5B PLC I . 11.91 -2.76 -5.18
C6B PLC I . 10.81 -2.09 -4.37
C7B PLC I . 9.84 -3.05 -3.72
C8B PLC I . 8.40 -2.84 -4.10
C9B PLC I . 7.85 -3.84 -5.08
CAA PLC I . 6.35 -3.87 -5.22
CBA PLC I . 5.63 -4.04 -3.90
O' PLC I . 19.46 0.27 -10.92
OB PLC I . 15.97 -3.58 -8.68
O2 PLC I . 19.63 -1.04 -9.11
O3 PLC I . 17.75 -2.62 -7.76
O1P PLC I . 23.82 -2.08 -11.07
O2P PLC I . 22.12 -1.91 -13.04
O3P PLC I . 21.34 -2.12 -10.64
O4P PLC I . 22.45 -4.06 -11.78
N PLC I . 23.76 -5.59 -14.57
P PLC I . 22.50 -2.46 -11.69
C1 CLR J . 0.22 63.50 11.97
C2 CLR J . 1.29 64.39 11.33
C3 CLR J . 2.63 64.21 12.00
C4 CLR J . 3.04 62.74 11.95
C5 CLR J . 1.98 61.84 12.54
C6 CLR J . 2.31 60.98 13.50
C7 CLR J . 1.36 60.00 14.11
C8 CLR J . 0.04 59.88 13.35
C9 CLR J . -0.44 61.27 12.92
C10 CLR J . 0.58 61.99 11.99
C11 CLR J . -1.86 61.20 12.33
C12 CLR J . -2.87 60.44 13.20
C13 CLR J . -2.38 59.04 13.57
C14 CLR J . -1.01 59.24 14.23
C15 CLR J . -0.68 57.89 14.86
C16 CLR J . -2.05 57.39 15.36
C17 CLR J . -3.12 58.33 14.74
C18 CLR J . -2.31 58.16 12.33
C19 CLR J . 0.56 61.42 10.57
C20 CLR J . -4.48 57.63 14.51
C21 CLR J . -5.53 58.00 15.56
C22 CLR J . -4.33 56.09 14.39
C23 CLR J . -4.90 55.22 15.50
C24 CLR J . -3.83 54.34 16.12
C25 CLR J . -3.86 52.86 15.72
C26 CLR J . -3.29 52.65 14.31
C27 CLR J . -5.27 52.29 15.79
O1 CLR J . 3.57 65.05 11.37
C1 CLR K . -36.85 3.67 3.69
C2 CLR K . -38.14 3.36 4.44
C3 CLR K . -38.17 1.93 4.94
C4 CLR K . -36.94 1.64 5.79
C5 CLR K . -35.66 1.97 5.05
C6 CLR K . -34.71 1.06 4.91
C7 CLR K . -33.35 1.31 4.33
C8 CLR K . -33.08 2.79 4.07
C9 CLR K . -34.35 3.48 3.51
C10 CLR K . -35.56 3.38 4.47
C11 CLR K . -34.07 4.92 3.06
C12 CLR K . -32.87 5.04 2.12
C13 CLR K . -31.61 4.43 2.73
C14 CLR K . -31.95 2.96 3.07
C15 CLR K . -30.60 2.32 3.36
C16 CLR K . -29.62 3.05 2.42
C17 CLR K . -30.41 4.22 1.76
C18 CLR K . -31.17 5.23 3.97
C19 CLR K . -35.43 4.37 5.65
C20 CLR K . -29.50 5.40 1.41
C21 CLR K . -30.01 6.21 0.22
C22 CLR K . -28.06 4.93 1.17
C23 CLR K . -27.60 5.04 -0.26
C24 CLR K . -26.36 5.87 -0.41
C25 CLR K . -26.31 6.78 -1.65
C26 CLR K . -27.21 8.00 -1.46
C27 CLR K . -24.89 7.21 -1.97
O1 CLR K . -39.35 1.72 5.73
C1 PLC L . 2.00 15.38 -16.96
C2 PLC L . 1.54 13.95 -17.01
C3 PLC L . 0.05 13.78 -16.80
C4 PLC L . 2.77 19.11 -19.56
C5 PLC L . 2.72 20.40 -18.78
C6 PLC L . 4.36 21.93 -17.77
C7 PLC L . 3.33 22.52 -19.86
C8 PLC L . 4.93 20.71 -19.78
C' PLC L . 2.65 12.25 -18.28
C1' PLC L . 1.84 11.01 -18.02
C2' PLC L . 2.43 10.16 -16.93
C3' PLC L . 1.40 9.77 -15.89
C4' PLC L . 1.73 8.47 -15.20
C5' PLC L . 0.96 8.23 -13.94
C6' PLC L . 1.73 7.49 -12.88
C7' PLC L . 1.07 6.23 -12.40
C8' PLC L . -0.31 6.45 -11.85
C9' PLC L . -1.00 5.17 -11.43
CA' PLC L . -0.57 4.64 -10.09
CB' PLC L . -1.49 3.57 -9.56
CB PLC L . -0.49 13.56 -14.53
C1B PLC L . -0.94 12.59 -13.48
C2B PLC L . 0.14 11.66 -13.04
C3B PLC L . 0.28 11.61 -11.54
C4B PLC L . 0.17 10.22 -10.95
C5B PLC L . -0.81 10.11 -9.80
C6B PLC L . -0.57 8.92 -8.91
C7B PLC L . -1.28 8.99 -7.58
C8B PLC L . -0.86 7.92 -6.59
C9B PLC L . -0.78 8.38 -5.16
CAA PLC L . 0.49 8.03 -4.42
CBA PLC L . 0.26 7.29 -3.13
O' PLC L . 3.83 12.27 -18.42
OB PLC L . -0.45 14.76 -14.42
O2 PLC L . 1.90 13.37 -18.29
O3 PLC L . -0.15 12.93 -15.65
O1P PLC L . 0.20 17.73 -19.44
O2P PLC L . 1.94 15.83 -19.86
O3P PLC L . 1.04 16.28 -17.57
O4P PLC L . 2.56 17.98 -18.67
N PLC L . 3.83 21.39 -19.05
P PLC L . 1.39 16.93 -18.99
C1 PIO M . -28.66 -4.97 3.11
O1 PIO M . -29.70 -4.34 2.29
P1 PIO M . -30.83 -3.45 3.01
C2 PIO M . -27.35 -4.92 2.34
O2 PIO M . -27.50 -5.60 1.10
C3 PIO M . -26.27 -5.60 3.17
O3 PIO M . -25.03 -5.55 2.47
C4 PIO M . -26.63 -7.03 3.49
O4 PIO M . -25.63 -7.49 4.46
P4 PIO M . -24.87 -8.88 4.34
C5 PIO M . -27.99 -7.14 4.15
O5 PIO M . -28.35 -8.56 4.19
P5 PIO M . -28.88 -9.28 5.52
C6 PIO M . -29.07 -6.41 3.38
O6 PIO M . -30.28 -6.43 4.12
O11 PIO M . -30.20 -2.62 4.09
O12 PIO M . -31.97 -4.35 3.41
O13 PIO M . -31.30 -2.51 1.80
C1A PIO M . -28.06 -1.11 1.69
O1A PIO M . -28.14 -1.78 2.68
C1B PIO M . -29.17 0.62 -2.23
O1B PIO M . -28.80 -0.30 -2.90
C1C PIO M . -30.82 -1.14 1.74
C2A PIO M . -27.18 0.10 1.56
C2B PIO M . -29.94 1.81 -2.72
C2C PIO M . -30.09 -0.95 0.42
O2C PIO M . -28.72 -1.41 0.56
C3A PIO M . -25.86 -0.20 0.95
C3B PIO M . -29.16 3.07 -2.66
C3C PIO M . -30.11 0.47 -0.07
O3C PIO M . -28.96 0.69 -0.92
O41 PIO M . -25.82 -9.81 3.61
O42 PIO M . -23.60 -8.61 3.56
O43 PIO M . -24.58 -9.35 5.75
C4A PIO M . -24.88 0.91 1.12
C4B PIO M . -28.80 3.59 -4.04
O51 PIO M . -28.17 -10.62 5.61
O52 PIO M . -28.54 -8.39 6.69
O53 PIO M . -30.37 -9.43 5.33
C5A PIO M . -24.25 1.37 -0.17
C5B PIO M . -27.37 3.30 -4.46
C6A PIO M . -24.99 2.48 -0.85
C6B PIO M . -27.12 1.86 -4.82
C7A PIO M . -24.08 3.36 -1.64
C7B PIO M . -26.10 1.17 -3.96
C8A PIO M . -22.74 2.71 -1.88
C8B PIO M . -24.78 0.91 -4.65
C1 PIO N . 5.12 -9.24 27.48
O1 PIO N . 6.42 -9.83 27.82
P1 PIO N . 6.65 -11.41 27.64
C2 PIO N . 5.26 -8.49 26.17
O2 PIO N . 6.28 -7.52 26.28
C3 PIO N . 3.94 -7.81 25.81
O3 PIO N . 4.10 -7.06 24.63
C4 PIO N . 3.46 -6.90 26.93
O4 PIO N . 2.08 -6.51 26.65
P4 PIO N . 1.68 -5.22 25.78
C5 PIO N . 3.41 -7.63 28.26
O5 PIO N . 3.13 -6.64 29.30
P5 PIO N . 2.17 -6.96 30.53
C6 PIO N . 4.74 -8.29 28.59
O6 PIO N . 4.66 -8.97 29.83
O11 PIO N . 5.32 -12.10 27.67
O12 PIO N . 7.74 -11.89 28.54
O13 PIO N . 7.19 -11.42 26.13
C1A PIO N . 8.07 -11.18 23.39
O1A PIO N . 7.19 -10.39 23.56
C1B PIO N . 12.46 -11.43 24.11
O1B PIO N . 12.41 -10.27 24.40
C1C PIO N . 8.24 -12.33 25.76
C2A PIO N . 7.96 -12.37 22.49
C2B PIO N . 13.69 -12.15 23.64
C2C PIO N . 9.45 -11.53 25.34
O2C PIO N . 9.27 -11.04 23.98
C3A PIO N . 8.03 -12.03 21.05
C3B PIO N . 13.49 -12.86 22.34
C3C PIO N . 10.74 -12.32 25.42
O3C PIO N . 11.41 -12.23 24.15
O41 PIO N . 2.37 -4.04 26.41
O42 PIO N . 2.17 -5.50 24.39
O43 PIO N . 0.17 -5.10 25.84
C4A PIO N . 9.44 -11.64 20.62
C4B PIO N . 14.14 -12.14 21.17
O51 PIO N . 1.28 -5.74 30.68
O52 PIO N . 1.38 -8.21 30.20
O53 PIO N . 3.10 -7.15 31.71
C5A PIO N . 9.48 -10.59 19.57
C5B PIO N . 13.21 -11.20 20.43
C6A PIO N . 10.41 -10.92 18.43
C6B PIO N . 12.74 -10.00 21.23
C7A PIO N . 11.08 -9.70 17.87
C7B PIO N . 12.99 -8.65 20.61
C8A PIO N . 12.29 -10.02 17.02
C8B PIO N . 14.34 -8.51 19.96
#